data_2MKV
#
_entry.id   2MKV
#
_entity_poly.entity_id   1
_entity_poly.type   'polypeptide(L)'
_entity_poly.pdbx_seq_one_letter_code
;LDRWYLGGSPKGDVDPFYYDYETVRNGGLIFAGLAFIVGLLILLSRRFRSGGNKKRRQINEDEP
;
_entity_poly.pdbx_strand_id   A
#
# COMPACT_ATOMS: atom_id res chain seq x y z
N LEU A 1 22.36 -13.90 7.22
CA LEU A 1 22.37 -13.77 5.74
C LEU A 1 21.01 -14.20 5.18
N ASP A 2 20.38 -15.16 5.85
CA ASP A 2 19.08 -15.66 5.42
C ASP A 2 18.02 -15.42 6.50
N ARG A 3 16.77 -15.28 6.07
CA ARG A 3 15.67 -15.06 7.00
C ARG A 3 15.90 -13.83 7.86
N TRP A 4 16.01 -12.68 7.22
CA TRP A 4 16.23 -11.42 7.93
C TRP A 4 14.90 -10.82 8.37
N TYR A 5 13.80 -11.45 7.96
CA TYR A 5 12.47 -10.97 8.32
C TYR A 5 12.16 -11.30 9.77
N LEU A 6 11.60 -10.32 10.49
CA LEU A 6 11.26 -10.52 11.90
C LEU A 6 9.75 -10.38 12.09
N GLY A 7 9.29 -10.60 13.32
CA GLY A 7 7.87 -10.52 13.63
C GLY A 7 7.15 -11.81 13.26
N GLY A 8 7.93 -12.78 12.80
CA GLY A 8 7.38 -14.07 12.42
C GLY A 8 7.57 -15.10 13.52
N SER A 9 7.57 -14.63 14.76
CA SER A 9 7.75 -15.51 15.92
C SER A 9 6.54 -15.43 16.85
N PRO A 10 5.54 -16.26 16.64
CA PRO A 10 4.32 -16.27 17.49
C PRO A 10 4.64 -16.56 18.95
N LYS A 11 3.60 -16.75 19.76
CA LYS A 11 3.79 -17.03 21.18
C LYS A 11 4.35 -18.44 21.38
N GLY A 12 4.21 -19.28 20.36
CA GLY A 12 4.72 -20.64 20.43
C GLY A 12 3.72 -21.57 21.12
N ASP A 13 2.57 -21.03 21.49
CA ASP A 13 1.55 -21.84 22.16
C ASP A 13 0.68 -22.54 21.13
N VAL A 14 -0.20 -21.79 20.48
CA VAL A 14 -1.09 -22.34 19.47
C VAL A 14 -0.99 -21.53 18.18
N ASP A 15 -0.71 -22.21 17.07
CA ASP A 15 -0.57 -21.54 15.78
C ASP A 15 -1.48 -22.18 14.73
N PRO A 16 -2.75 -21.88 14.77
CA PRO A 16 -3.75 -22.44 13.82
C PRO A 16 -3.81 -21.67 12.51
N PHE A 17 -2.67 -21.13 12.09
CA PHE A 17 -2.61 -20.36 10.85
C PHE A 17 -3.02 -21.22 9.65
N TYR A 18 -3.30 -22.49 9.90
CA TYR A 18 -3.70 -23.38 8.82
C TYR A 18 -4.99 -22.86 8.17
N TYR A 19 -5.89 -22.34 8.99
CA TYR A 19 -7.13 -21.79 8.48
C TYR A 19 -6.84 -20.65 7.51
N ASP A 20 -5.96 -19.74 7.92
CA ASP A 20 -5.58 -18.61 7.09
C ASP A 20 -4.61 -19.04 6.00
N TYR A 21 -3.99 -20.21 6.18
CA TYR A 21 -3.05 -20.72 5.20
C TYR A 21 -3.73 -21.00 3.87
N GLU A 22 -4.96 -21.52 3.94
CA GLU A 22 -5.70 -21.85 2.72
C GLU A 22 -5.86 -20.62 1.82
N THR A 23 -6.06 -19.45 2.43
CA THR A 23 -6.22 -18.23 1.64
C THR A 23 -4.94 -17.91 0.87
N VAL A 24 -3.81 -18.39 1.39
CA VAL A 24 -2.51 -18.14 0.76
C VAL A 24 -2.57 -18.34 -0.75
N ARG A 25 -3.53 -19.12 -1.22
CA ARG A 25 -3.66 -19.33 -2.66
C ARG A 25 -4.17 -18.05 -3.33
N ASN A 26 -5.31 -17.57 -2.86
CA ASN A 26 -5.93 -16.35 -3.40
C ASN A 26 -5.49 -15.11 -2.64
N GLY A 27 -4.71 -15.29 -1.59
CA GLY A 27 -4.25 -14.16 -0.78
C GLY A 27 -3.41 -13.16 -1.58
N GLY A 28 -2.52 -13.66 -2.42
CA GLY A 28 -1.66 -12.78 -3.21
C GLY A 28 -2.47 -11.89 -4.15
N LEU A 29 -3.45 -12.48 -4.82
CA LEU A 29 -4.26 -11.71 -5.77
C LEU A 29 -4.97 -10.56 -5.07
N ILE A 30 -5.61 -10.83 -3.94
CA ILE A 30 -6.32 -9.80 -3.21
C ILE A 30 -5.38 -8.69 -2.74
N PHE A 31 -4.23 -9.09 -2.21
CA PHE A 31 -3.25 -8.12 -1.72
C PHE A 31 -2.78 -7.18 -2.84
N ALA A 32 -2.46 -7.77 -4.00
CA ALA A 32 -1.95 -6.98 -5.12
C ALA A 32 -2.95 -5.89 -5.54
N GLY A 33 -4.23 -6.24 -5.61
CA GLY A 33 -5.24 -5.25 -6.02
C GLY A 33 -5.25 -4.07 -5.06
N LEU A 34 -5.12 -4.36 -3.76
CA LEU A 34 -5.10 -3.30 -2.76
C LEU A 34 -3.85 -2.46 -2.94
N ALA A 35 -2.76 -3.12 -3.31
CA ALA A 35 -1.49 -2.44 -3.50
C ALA A 35 -1.62 -1.37 -4.58
N PHE A 36 -2.21 -1.74 -5.72
CA PHE A 36 -2.36 -0.80 -6.83
C PHE A 36 -3.20 0.42 -6.45
N ILE A 37 -4.28 0.22 -5.70
CA ILE A 37 -5.13 1.34 -5.32
C ILE A 37 -4.32 2.38 -4.54
N VAL A 38 -3.50 1.90 -3.62
CA VAL A 38 -2.69 2.81 -2.81
C VAL A 38 -1.79 3.68 -3.69
N GLY A 39 -1.23 3.09 -4.74
CA GLY A 39 -0.35 3.81 -5.65
C GLY A 39 -1.07 4.99 -6.32
N LEU A 40 -2.34 4.80 -6.64
CA LEU A 40 -3.11 5.86 -7.28
C LEU A 40 -3.11 7.10 -6.38
N LEU A 41 -3.40 6.90 -5.11
CA LEU A 41 -3.47 8.00 -4.15
C LEU A 41 -2.17 8.80 -4.14
N ILE A 42 -1.04 8.12 -4.32
CA ILE A 42 0.26 8.80 -4.32
C ILE A 42 0.31 9.86 -5.42
N LEU A 43 -0.20 9.52 -6.60
CA LEU A 43 -0.17 10.45 -7.72
C LEU A 43 -0.91 11.75 -7.35
N LEU A 44 -2.03 11.61 -6.66
CA LEU A 44 -2.81 12.78 -6.26
C LEU A 44 -1.98 13.70 -5.36
N SER A 45 -1.07 13.11 -4.59
CA SER A 45 -0.24 13.90 -3.70
C SER A 45 0.53 14.93 -4.51
N ARG A 46 1.04 14.51 -5.67
CA ARG A 46 1.79 15.42 -6.52
C ARG A 46 0.89 16.60 -6.94
N ARG A 47 -0.38 16.31 -7.18
CA ARG A 47 -1.32 17.34 -7.63
C ARG A 47 -1.36 18.51 -6.64
N PHE A 48 -1.14 18.23 -5.36
CA PHE A 48 -1.17 19.31 -4.37
C PHE A 48 -0.12 20.36 -4.71
N ARG A 49 1.04 19.92 -5.20
CA ARG A 49 2.07 20.87 -5.58
C ARG A 49 1.88 21.30 -7.03
N SER A 50 1.80 20.33 -7.93
CA SER A 50 1.61 20.63 -9.35
C SER A 50 0.19 21.13 -9.61
N GLY A 51 0.07 22.14 -10.45
CA GLY A 51 -1.24 22.69 -10.78
C GLY A 51 -1.11 23.90 -11.69
N GLY A 52 -2.22 24.61 -11.90
CA GLY A 52 -2.22 25.79 -12.75
C GLY A 52 -2.24 27.06 -11.89
N ASN A 53 -1.97 26.89 -10.60
CA ASN A 53 -1.94 28.02 -9.68
C ASN A 53 -0.70 27.98 -8.81
N LYS A 54 0.35 27.33 -9.31
CA LYS A 54 1.60 27.21 -8.55
C LYS A 54 1.30 26.91 -7.09
N LYS A 55 1.02 25.63 -6.80
CA LYS A 55 0.72 25.22 -5.44
C LYS A 55 1.94 24.58 -4.79
N ARG A 56 3.01 24.44 -5.56
CA ARG A 56 4.24 23.83 -5.06
C ARG A 56 4.93 24.74 -4.05
N ARG A 57 4.67 26.04 -4.16
CA ARG A 57 5.27 27.01 -3.25
C ARG A 57 6.71 26.61 -2.91
N GLN A 58 7.51 26.42 -3.96
CA GLN A 58 8.91 26.02 -3.76
C GLN A 58 9.82 26.85 -4.67
N ILE A 59 10.89 27.39 -4.08
CA ILE A 59 11.84 28.19 -4.84
C ILE A 59 13.26 27.92 -4.34
N ASN A 60 14.19 27.77 -5.28
CA ASN A 60 15.59 27.51 -4.93
C ASN A 60 16.44 28.75 -5.20
N GLU A 61 17.18 29.18 -4.18
CA GLU A 61 18.05 30.35 -4.31
C GLU A 61 19.44 30.04 -3.78
N ASP A 62 20.45 30.64 -4.38
CA ASP A 62 21.83 30.41 -3.95
C ASP A 62 22.26 31.50 -2.97
N GLU A 63 22.91 31.08 -1.89
CA GLU A 63 23.39 32.03 -0.88
C GLU A 63 24.54 32.87 -1.43
N PRO A 64 24.70 34.09 -0.99
CA PRO A 64 25.81 34.98 -1.47
C PRO A 64 27.16 34.51 -0.96
N LEU A 1 10.08 -17.04 18.30
CA LEU A 1 9.65 -17.34 19.70
C LEU A 1 8.64 -16.28 20.14
N ASP A 2 9.12 -15.06 20.33
CA ASP A 2 8.25 -13.96 20.75
C ASP A 2 7.33 -13.53 19.61
N ARG A 3 6.59 -12.45 19.84
CA ARG A 3 5.67 -11.94 18.82
C ARG A 3 6.39 -10.93 17.93
N TRP A 4 7.65 -10.66 18.25
CA TRP A 4 8.45 -9.71 17.48
C TRP A 4 9.09 -10.41 16.28
N TYR A 5 9.31 -11.71 16.41
CA TYR A 5 9.92 -12.48 15.32
C TYR A 5 8.92 -12.75 14.21
N LEU A 6 9.41 -12.68 12.97
CA LEU A 6 8.56 -12.91 11.80
C LEU A 6 9.04 -14.14 11.04
N GLY A 7 9.12 -14.03 9.72
CA GLY A 7 9.57 -15.15 8.90
C GLY A 7 8.44 -16.13 8.63
N GLY A 8 7.25 -15.80 9.10
CA GLY A 8 6.10 -16.67 8.91
C GLY A 8 6.25 -17.96 9.71
N SER A 9 6.27 -17.82 11.03
CA SER A 9 6.41 -18.97 11.92
C SER A 9 5.32 -18.96 12.98
N PRO A 10 4.88 -20.09 13.47
CA PRO A 10 3.81 -20.17 14.51
C PRO A 10 4.29 -19.65 15.86
N LYS A 11 3.37 -19.07 16.62
CA LYS A 11 3.70 -18.54 17.94
C LYS A 11 3.42 -19.57 19.03
N GLY A 12 2.87 -20.71 18.63
CA GLY A 12 2.55 -21.77 19.57
C GLY A 12 1.23 -21.48 20.28
N ASP A 13 0.54 -20.44 19.82
CA ASP A 13 -0.74 -20.07 20.40
C ASP A 13 -1.89 -20.56 19.51
N VAL A 14 -1.68 -20.49 18.20
CA VAL A 14 -2.69 -20.92 17.24
C VAL A 14 -2.04 -21.30 15.91
N ASP A 15 -2.77 -22.06 15.10
CA ASP A 15 -2.25 -22.50 13.80
C ASP A 15 -3.21 -22.11 12.68
N PRO A 16 -3.22 -20.85 12.30
CA PRO A 16 -4.11 -20.33 11.23
C PRO A 16 -3.57 -20.60 9.84
N PHE A 17 -2.35 -21.14 9.77
CA PHE A 17 -1.73 -21.44 8.48
C PHE A 17 -2.60 -22.42 7.68
N TYR A 18 -3.09 -23.45 8.35
CA TYR A 18 -3.90 -24.45 7.68
C TYR A 18 -5.13 -23.79 7.07
N TYR A 19 -5.84 -22.99 7.86
CA TYR A 19 -7.02 -22.30 7.36
C TYR A 19 -6.62 -21.25 6.33
N ASP A 20 -5.49 -20.60 6.57
CA ASP A 20 -5.00 -19.57 5.67
C ASP A 20 -4.26 -20.18 4.48
N TYR A 21 -4.04 -21.49 4.53
CA TYR A 21 -3.34 -22.16 3.45
C TYR A 21 -4.11 -22.03 2.15
N GLU A 22 -5.41 -22.26 2.19
CA GLU A 22 -6.24 -22.16 1.00
C GLU A 22 -6.17 -20.76 0.40
N THR A 23 -6.14 -19.76 1.28
CA THR A 23 -6.07 -18.37 0.84
C THR A 23 -4.80 -18.10 0.05
N VAL A 24 -3.68 -18.65 0.53
CA VAL A 24 -2.38 -18.45 -0.10
C VAL A 24 -2.47 -18.52 -1.63
N ARG A 25 -3.48 -19.21 -2.15
CA ARG A 25 -3.62 -19.30 -3.60
C ARG A 25 -4.13 -17.96 -4.15
N ASN A 26 -5.26 -17.51 -3.62
CA ASN A 26 -5.86 -16.24 -4.06
C ASN A 26 -5.39 -15.06 -3.21
N GLY A 27 -4.56 -15.34 -2.20
CA GLY A 27 -4.08 -14.28 -1.32
C GLY A 27 -3.28 -13.23 -2.07
N GLY A 28 -2.41 -13.66 -2.97
CA GLY A 28 -1.59 -12.72 -3.73
C GLY A 28 -2.44 -11.78 -4.58
N LEU A 29 -3.45 -12.33 -5.24
CA LEU A 29 -4.30 -11.53 -6.11
C LEU A 29 -4.98 -10.40 -5.32
N ILE A 30 -5.55 -10.75 -4.17
CA ILE A 30 -6.24 -9.76 -3.35
C ILE A 30 -5.28 -8.68 -2.87
N PHE A 31 -4.10 -9.09 -2.42
CA PHE A 31 -3.10 -8.15 -1.94
C PHE A 31 -2.69 -7.16 -3.03
N ALA A 32 -2.42 -7.68 -4.22
CA ALA A 32 -1.98 -6.84 -5.32
C ALA A 32 -3.00 -5.75 -5.65
N GLY A 33 -4.28 -6.11 -5.66
CA GLY A 33 -5.32 -5.13 -5.96
C GLY A 33 -5.29 -3.98 -4.96
N LEU A 34 -5.09 -4.31 -3.68
CA LEU A 34 -5.03 -3.28 -2.65
C LEU A 34 -3.77 -2.43 -2.85
N ALA A 35 -2.69 -3.08 -3.25
CA ALA A 35 -1.43 -2.39 -3.47
C ALA A 35 -1.60 -1.33 -4.55
N PHE A 36 -2.23 -1.71 -5.66
CA PHE A 36 -2.43 -0.81 -6.79
C PHE A 36 -3.23 0.43 -6.41
N ILE A 37 -4.33 0.25 -5.70
CA ILE A 37 -5.19 1.37 -5.32
C ILE A 37 -4.40 2.40 -4.51
N VAL A 38 -3.60 1.92 -3.56
CA VAL A 38 -2.82 2.82 -2.71
C VAL A 38 -1.90 3.70 -3.57
N GLY A 39 -1.30 3.10 -4.59
CA GLY A 39 -0.39 3.81 -5.48
C GLY A 39 -1.08 4.98 -6.19
N LEU A 40 -2.35 4.79 -6.54
CA LEU A 40 -3.08 5.86 -7.22
C LEU A 40 -3.13 7.11 -6.33
N LEU A 41 -3.40 6.89 -5.04
CA LEU A 41 -3.49 7.99 -4.08
C LEU A 41 -2.19 8.80 -4.04
N ILE A 42 -1.07 8.11 -4.18
CA ILE A 42 0.23 8.80 -4.15
C ILE A 42 0.32 9.84 -5.26
N LEU A 43 -0.13 9.48 -6.45
CA LEU A 43 -0.08 10.40 -7.57
C LEU A 43 -0.84 11.69 -7.26
N LEU A 44 -1.98 11.55 -6.59
CA LEU A 44 -2.80 12.70 -6.24
C LEU A 44 -2.02 13.67 -5.35
N SER A 45 -1.12 13.13 -4.52
CA SER A 45 -0.34 13.97 -3.64
C SER A 45 0.46 14.96 -4.47
N ARG A 46 1.00 14.49 -5.60
CA ARG A 46 1.75 15.37 -6.47
C ARG A 46 0.85 16.50 -6.97
N ARG A 47 -0.41 16.19 -7.23
CA ARG A 47 -1.35 17.19 -7.73
C ARG A 47 -1.38 18.40 -6.82
N PHE A 48 -1.13 18.18 -5.53
CA PHE A 48 -1.14 19.27 -4.58
C PHE A 48 -0.12 20.34 -4.99
N ARG A 49 1.09 19.89 -5.31
CA ARG A 49 2.15 20.82 -5.72
C ARG A 49 2.06 21.10 -7.22
N SER A 50 2.08 20.03 -8.03
CA SER A 50 2.03 20.18 -9.48
C SER A 50 0.74 20.85 -9.94
N GLY A 51 -0.37 20.43 -9.36
CA GLY A 51 -1.67 20.99 -9.73
C GLY A 51 -2.40 20.04 -10.69
N GLY A 52 -1.64 19.14 -11.31
CA GLY A 52 -2.21 18.16 -12.23
C GLY A 52 -2.35 18.72 -13.65
N ASN A 53 -2.18 17.82 -14.62
CA ASN A 53 -2.26 18.18 -16.04
C ASN A 53 -1.08 19.04 -16.46
N LYS A 54 -1.30 19.94 -17.41
CA LYS A 54 -0.22 20.81 -17.88
C LYS A 54 -0.80 22.00 -18.65
N LYS A 55 0.01 23.04 -18.80
CA LYS A 55 -0.44 24.24 -19.51
C LYS A 55 -0.12 24.13 -21.00
N ARG A 56 0.47 23.00 -21.39
CA ARG A 56 0.84 22.76 -22.78
C ARG A 56 -0.39 22.61 -23.67
N ARG A 57 -1.48 22.08 -23.09
CA ARG A 57 -2.69 21.86 -23.87
C ARG A 57 -3.21 23.17 -24.47
N GLN A 58 -3.14 24.25 -23.68
CA GLN A 58 -3.58 25.55 -24.15
C GLN A 58 -2.58 26.63 -23.81
N ILE A 59 -1.88 27.13 -24.82
CA ILE A 59 -0.88 28.18 -24.63
C ILE A 59 -1.20 29.36 -25.53
N ASN A 60 -1.20 30.57 -24.96
CA ASN A 60 -1.49 31.76 -25.76
C ASN A 60 -0.42 31.97 -26.81
N GLU A 61 -0.84 32.12 -28.06
CA GLU A 61 0.09 32.32 -29.17
C GLU A 61 -0.59 33.10 -30.29
N ASP A 62 0.20 33.89 -31.02
CA ASP A 62 -0.33 34.67 -32.13
C ASP A 62 -0.88 33.77 -33.23
N GLU A 63 -0.18 32.67 -33.49
CA GLU A 63 -0.58 31.72 -34.53
C GLU A 63 -0.61 30.30 -33.99
N PRO A 64 -1.61 29.97 -33.22
CA PRO A 64 -1.76 28.62 -32.62
C PRO A 64 -2.38 27.61 -33.59
N LEU A 1 -7.58 -15.01 8.04
CA LEU A 1 -7.38 -13.54 7.88
C LEU A 1 -6.92 -12.95 9.21
N ASP A 2 -6.22 -11.82 9.14
CA ASP A 2 -5.72 -11.16 10.34
C ASP A 2 -6.78 -10.22 10.91
N ARG A 3 -7.45 -10.64 11.97
CA ARG A 3 -8.47 -9.82 12.60
C ARG A 3 -7.85 -8.73 13.46
N TRP A 4 -8.55 -7.63 13.61
CA TRP A 4 -8.06 -6.50 14.41
C TRP A 4 -8.68 -6.53 15.81
N TYR A 5 -9.26 -7.67 16.17
CA TYR A 5 -9.87 -7.83 17.49
C TYR A 5 -9.04 -8.74 18.37
N LEU A 6 -8.45 -8.17 19.41
CA LEU A 6 -7.64 -8.95 20.34
C LEU A 6 -8.51 -9.93 21.11
N GLY A 7 -9.69 -9.45 21.50
CA GLY A 7 -10.63 -10.27 22.26
C GLY A 7 -10.37 -10.14 23.76
N GLY A 8 -9.27 -9.49 24.10
CA GLY A 8 -8.90 -9.30 25.50
C GLY A 8 -7.55 -9.97 25.78
N SER A 9 -6.84 -10.33 24.72
CA SER A 9 -5.54 -10.97 24.85
C SER A 9 -4.45 -9.90 25.07
N PRO A 10 -3.39 -10.21 25.76
CA PRO A 10 -2.29 -9.23 26.02
C PRO A 10 -1.52 -8.85 24.75
N LYS A 11 -0.54 -9.67 24.39
CA LYS A 11 0.28 -9.38 23.21
C LYS A 11 -0.50 -9.61 21.92
N GLY A 12 -1.55 -10.43 22.00
CA GLY A 12 -2.35 -10.71 20.82
C GLY A 12 -1.68 -11.75 19.93
N ASP A 13 -0.74 -12.50 20.50
CA ASP A 13 -0.04 -13.53 19.75
C ASP A 13 -1.02 -14.61 19.31
N VAL A 14 -1.04 -14.89 18.01
CA VAL A 14 -1.93 -15.91 17.47
C VAL A 14 -1.21 -16.71 16.38
N ASP A 15 -1.74 -17.89 16.05
CA ASP A 15 -1.14 -18.72 15.01
C ASP A 15 -2.19 -19.25 14.04
N PRO A 16 -2.84 -18.36 13.32
CA PRO A 16 -3.90 -18.75 12.34
C PRO A 16 -3.30 -19.13 10.98
N PHE A 17 -2.10 -19.70 11.00
CA PHE A 17 -1.45 -20.09 9.75
C PHE A 17 -2.28 -21.14 9.02
N TYR A 18 -2.82 -22.10 9.76
CA TYR A 18 -3.61 -23.14 9.13
C TYR A 18 -4.81 -22.54 8.41
N TYR A 19 -5.53 -21.64 9.10
CA TYR A 19 -6.67 -20.98 8.50
C TYR A 19 -6.22 -20.09 7.35
N ASP A 20 -5.17 -19.33 7.60
CA ASP A 20 -4.62 -18.40 6.62
C ASP A 20 -3.92 -19.14 5.48
N TYR A 21 -3.64 -20.43 5.69
CA TYR A 21 -2.96 -21.20 4.65
C TYR A 21 -3.82 -21.29 3.40
N GLU A 22 -5.10 -21.56 3.57
CA GLU A 22 -6.01 -21.67 2.44
C GLU A 22 -6.05 -20.37 1.65
N THR A 23 -6.05 -19.24 2.35
CA THR A 23 -6.10 -17.93 1.70
C THR A 23 -4.82 -17.70 0.89
N VAL A 24 -3.71 -18.26 1.35
CA VAL A 24 -2.42 -18.07 0.69
C VAL A 24 -2.53 -18.22 -0.83
N ARG A 25 -3.55 -18.94 -1.28
CA ARG A 25 -3.74 -19.12 -2.71
C ARG A 25 -4.26 -17.81 -3.34
N ASN A 26 -5.35 -17.30 -2.78
CA ASN A 26 -5.97 -16.07 -3.27
C ASN A 26 -5.47 -14.84 -2.52
N GLY A 27 -4.61 -15.05 -1.53
CA GLY A 27 -4.10 -13.93 -0.73
C GLY A 27 -3.30 -12.94 -1.57
N GLY A 28 -2.45 -13.45 -2.47
CA GLY A 28 -1.64 -12.58 -3.30
C GLY A 28 -2.48 -11.69 -4.20
N LEU A 29 -3.50 -12.27 -4.82
CA LEU A 29 -4.36 -11.51 -5.73
C LEU A 29 -5.02 -10.34 -4.99
N ILE A 30 -5.60 -10.63 -3.83
CA ILE A 30 -6.28 -9.60 -3.05
C ILE A 30 -5.30 -8.50 -2.63
N PHE A 31 -4.13 -8.90 -2.16
CA PHE A 31 -3.11 -7.95 -1.72
C PHE A 31 -2.70 -7.02 -2.87
N ALA A 32 -2.44 -7.60 -4.04
CA ALA A 32 -1.99 -6.82 -5.18
C ALA A 32 -3.02 -5.75 -5.55
N GLY A 33 -4.30 -6.09 -5.55
CA GLY A 33 -5.33 -5.11 -5.88
C GLY A 33 -5.29 -3.93 -4.92
N LEU A 34 -5.08 -4.23 -3.64
CA LEU A 34 -5.00 -3.19 -2.63
C LEU A 34 -3.74 -2.35 -2.84
N ALA A 35 -2.68 -3.03 -3.23
CA ALA A 35 -1.40 -2.36 -3.47
C ALA A 35 -1.57 -1.32 -4.58
N PHE A 36 -2.18 -1.74 -5.68
CA PHE A 36 -2.38 -0.87 -6.84
C PHE A 36 -3.18 0.39 -6.50
N ILE A 37 -4.29 0.23 -5.78
CA ILE A 37 -5.13 1.37 -5.41
C ILE A 37 -4.32 2.40 -4.64
N VAL A 38 -3.51 1.91 -3.70
CA VAL A 38 -2.70 2.81 -2.89
C VAL A 38 -1.80 3.68 -3.76
N GLY A 39 -1.25 3.09 -4.82
CA GLY A 39 -0.38 3.81 -5.74
C GLY A 39 -1.11 4.97 -6.41
N LEU A 40 -2.38 4.77 -6.72
CA LEU A 40 -3.17 5.82 -7.37
C LEU A 40 -3.16 7.07 -6.49
N LEU A 41 -3.42 6.88 -5.20
CA LEU A 41 -3.48 7.98 -4.25
C LEU A 41 -2.17 8.77 -4.22
N ILE A 42 -1.05 8.07 -4.43
CA ILE A 42 0.25 8.73 -4.42
C ILE A 42 0.32 9.80 -5.52
N LEU A 43 -0.20 9.48 -6.69
CA LEU A 43 -0.18 10.43 -7.81
C LEU A 43 -0.93 11.70 -7.43
N LEU A 44 -2.04 11.53 -6.71
CA LEU A 44 -2.87 12.66 -6.29
C LEU A 44 -2.05 13.62 -5.44
N SER A 45 -1.15 13.07 -4.63
CA SER A 45 -0.32 13.91 -3.77
C SER A 45 0.49 14.89 -4.60
N ARG A 46 1.01 14.43 -5.73
CA ARG A 46 1.79 15.31 -6.60
C ARG A 46 0.95 16.50 -7.04
N ARG A 47 -0.33 16.25 -7.33
CA ARG A 47 -1.22 17.31 -7.76
C ARG A 47 -1.32 18.41 -6.71
N PHE A 48 -1.21 18.05 -5.44
CA PHE A 48 -1.29 19.04 -4.38
C PHE A 48 -0.20 20.09 -4.57
N ARG A 49 1.04 19.63 -4.79
CA ARG A 49 2.13 20.57 -5.00
C ARG A 49 1.87 21.33 -6.30
N SER A 50 1.69 20.58 -7.38
CA SER A 50 1.42 21.17 -8.69
C SER A 50 2.70 21.74 -9.30
N GLY A 51 2.57 22.23 -10.53
CA GLY A 51 3.71 22.81 -11.24
C GLY A 51 4.11 21.94 -12.44
N GLY A 52 4.17 22.57 -13.61
CA GLY A 52 4.52 21.85 -14.83
C GLY A 52 3.26 21.32 -15.51
N ASN A 53 2.12 21.62 -14.91
CA ASN A 53 0.84 21.18 -15.46
C ASN A 53 0.17 22.33 -16.20
N LYS A 54 0.92 23.40 -16.41
CA LYS A 54 0.40 24.57 -17.11
C LYS A 54 0.79 24.53 -18.59
N LYS A 55 1.52 23.49 -18.97
CA LYS A 55 1.94 23.35 -20.36
C LYS A 55 0.72 23.23 -21.27
N ARG A 56 -0.24 22.42 -20.84
CA ARG A 56 -1.46 22.22 -21.63
C ARG A 56 -2.37 23.44 -21.55
N ARG A 57 -2.32 24.13 -20.42
CA ARG A 57 -3.15 25.32 -20.23
C ARG A 57 -2.37 26.42 -19.52
N GLN A 58 -2.53 27.65 -20.01
CA GLN A 58 -1.85 28.79 -19.42
C GLN A 58 -2.38 29.06 -18.02
N ILE A 59 -1.54 29.65 -17.18
CA ILE A 59 -1.94 29.95 -15.80
C ILE A 59 -3.11 30.93 -15.79
N ASN A 60 -3.97 30.78 -14.79
CA ASN A 60 -5.14 31.66 -14.66
C ASN A 60 -4.92 32.68 -13.56
N GLU A 61 -5.17 33.95 -13.87
CA GLU A 61 -4.99 35.02 -12.90
C GLU A 61 -5.94 34.82 -11.72
N ASP A 62 -7.17 34.41 -12.02
CA ASP A 62 -8.17 34.19 -10.98
C ASP A 62 -9.27 33.26 -11.47
N GLU A 63 -10.12 32.83 -10.54
CA GLU A 63 -11.23 31.94 -10.87
C GLU A 63 -12.51 32.41 -10.21
N PRO A 64 -13.11 33.45 -10.74
CA PRO A 64 -14.38 34.01 -10.19
C PRO A 64 -15.61 33.25 -10.68
N LEU A 1 18.38 -13.43 6.81
CA LEU A 1 19.51 -14.27 7.28
C LEU A 1 20.40 -13.44 8.21
N ASP A 2 20.89 -12.31 7.69
CA ASP A 2 21.75 -11.43 8.49
C ASP A 2 20.90 -10.45 9.30
N ARG A 3 20.44 -10.90 10.45
CA ARG A 3 19.65 -10.05 11.34
C ARG A 3 18.65 -9.21 10.53
N TRP A 4 17.99 -9.84 9.57
CA TRP A 4 17.01 -9.14 8.74
C TRP A 4 15.59 -9.53 9.15
N TYR A 5 15.47 -10.22 10.27
CA TYR A 5 14.16 -10.64 10.76
C TYR A 5 14.12 -10.61 12.29
N LEU A 6 12.93 -10.38 12.85
CA LEU A 6 12.77 -10.35 14.30
C LEU A 6 13.05 -11.72 14.89
N GLY A 7 12.50 -12.75 14.25
CA GLY A 7 12.70 -14.12 14.70
C GLY A 7 11.93 -14.40 15.98
N GLY A 8 10.81 -13.72 16.19
CA GLY A 8 10.00 -13.94 17.38
C GLY A 8 8.87 -14.91 17.08
N SER A 9 8.87 -16.04 17.78
CA SER A 9 7.84 -17.06 17.57
C SER A 9 6.57 -16.73 18.37
N PRO A 10 5.42 -17.14 17.89
CA PRO A 10 4.12 -16.90 18.61
C PRO A 10 4.08 -17.60 19.98
N LYS A 11 2.88 -17.93 20.45
CA LYS A 11 2.75 -18.60 21.75
C LYS A 11 3.23 -20.03 21.63
N GLY A 12 3.24 -20.56 20.42
CA GLY A 12 3.69 -21.93 20.18
C GLY A 12 2.59 -22.95 20.46
N ASP A 13 1.40 -22.46 20.82
CA ASP A 13 0.28 -23.35 21.11
C ASP A 13 -0.85 -23.10 20.11
N VAL A 14 -0.52 -22.49 18.98
CA VAL A 14 -1.52 -22.22 17.95
C VAL A 14 -0.90 -22.39 16.56
N ASP A 15 -1.71 -22.80 15.60
CA ASP A 15 -1.22 -23.00 14.24
C ASP A 15 -2.13 -22.29 13.23
N PRO A 16 -2.14 -20.97 13.25
CA PRO A 16 -2.99 -20.17 12.33
C PRO A 16 -2.47 -20.18 10.89
N PHE A 17 -1.23 -20.62 10.73
CA PHE A 17 -0.63 -20.65 9.40
C PHE A 17 -1.42 -21.54 8.45
N TYR A 18 -1.90 -22.67 8.94
CA TYR A 18 -2.68 -23.58 8.10
C TYR A 18 -3.93 -22.89 7.58
N TYR A 19 -4.60 -22.14 8.43
CA TYR A 19 -5.80 -21.43 8.01
C TYR A 19 -5.42 -20.34 7.01
N ASP A 20 -4.32 -19.65 7.30
CA ASP A 20 -3.82 -18.60 6.43
C ASP A 20 -3.21 -19.19 5.16
N TYR A 21 -2.76 -20.43 5.26
CA TYR A 21 -2.13 -21.11 4.13
C TYR A 21 -3.11 -21.26 2.97
N GLU A 22 -4.35 -21.65 3.28
CA GLU A 22 -5.35 -21.85 2.23
C GLU A 22 -5.55 -20.57 1.42
N THR A 23 -5.54 -19.42 2.10
CA THR A 23 -5.73 -18.15 1.41
C THR A 23 -4.54 -17.86 0.48
N VAL A 24 -3.38 -18.41 0.83
CA VAL A 24 -2.17 -18.18 0.05
C VAL A 24 -2.42 -18.30 -1.45
N ARG A 25 -3.46 -19.02 -1.84
CA ARG A 25 -3.77 -19.15 -3.26
C ARG A 25 -4.33 -17.83 -3.79
N ASN A 26 -5.39 -17.35 -3.14
CA ASN A 26 -6.04 -16.10 -3.55
C ASN A 26 -5.48 -14.90 -2.80
N GLY A 27 -4.56 -15.14 -1.87
CA GLY A 27 -3.98 -14.06 -1.07
C GLY A 27 -3.25 -13.03 -1.93
N GLY A 28 -2.47 -13.52 -2.89
CA GLY A 28 -1.71 -12.61 -3.76
C GLY A 28 -2.62 -11.71 -4.60
N LEU A 29 -3.68 -12.30 -5.15
CA LEU A 29 -4.57 -11.54 -6.01
C LEU A 29 -5.22 -10.38 -5.25
N ILE A 30 -5.72 -10.64 -4.05
CA ILE A 30 -6.36 -9.59 -3.27
C ILE A 30 -5.35 -8.56 -2.77
N PHE A 31 -4.16 -9.03 -2.40
CA PHE A 31 -3.12 -8.14 -1.93
C PHE A 31 -2.72 -7.15 -3.02
N ALA A 32 -2.49 -7.66 -4.22
CA ALA A 32 -2.06 -6.83 -5.33
C ALA A 32 -3.09 -5.74 -5.65
N GLY A 33 -4.37 -6.09 -5.63
CA GLY A 33 -5.40 -5.10 -5.93
C GLY A 33 -5.36 -3.95 -4.93
N LEU A 34 -5.12 -4.28 -3.66
CA LEU A 34 -5.01 -3.26 -2.62
C LEU A 34 -3.75 -2.43 -2.86
N ALA A 35 -2.69 -3.11 -3.27
CA ALA A 35 -1.41 -2.45 -3.52
C ALA A 35 -1.57 -1.37 -4.58
N PHE A 36 -2.20 -1.73 -5.71
CA PHE A 36 -2.37 -0.79 -6.81
C PHE A 36 -3.19 0.44 -6.39
N ILE A 37 -4.24 0.23 -5.60
CA ILE A 37 -5.08 1.34 -5.18
C ILE A 37 -4.25 2.38 -4.42
N VAL A 38 -3.41 1.90 -3.52
CA VAL A 38 -2.58 2.80 -2.72
C VAL A 38 -1.70 3.67 -3.62
N GLY A 39 -1.18 3.08 -4.69
CA GLY A 39 -0.33 3.81 -5.62
C GLY A 39 -1.07 4.97 -6.28
N LEU A 40 -2.35 4.78 -6.56
CA LEU A 40 -3.15 5.82 -7.20
C LEU A 40 -3.15 7.08 -6.31
N LEU A 41 -3.41 6.89 -5.02
CA LEU A 41 -3.47 8.01 -4.09
C LEU A 41 -2.17 8.80 -4.07
N ILE A 42 -1.05 8.11 -4.24
CA ILE A 42 0.26 8.77 -4.23
C ILE A 42 0.35 9.82 -5.34
N LEU A 43 -0.12 9.46 -6.53
CA LEU A 43 -0.06 10.38 -7.66
C LEU A 43 -0.84 11.66 -7.35
N LEU A 44 -1.97 11.51 -6.68
CA LEU A 44 -2.81 12.66 -6.32
C LEU A 44 -2.04 13.64 -5.44
N SER A 45 -1.18 13.13 -4.58
CA SER A 45 -0.40 13.98 -3.69
C SER A 45 0.45 14.95 -4.50
N ARG A 46 1.01 14.46 -5.60
CA ARG A 46 1.84 15.32 -6.45
C ARG A 46 0.98 16.47 -6.99
N ARG A 47 -0.26 16.15 -7.34
CA ARG A 47 -1.18 17.17 -7.87
C ARG A 47 -1.34 18.34 -6.91
N PHE A 48 -1.16 18.08 -5.62
CA PHE A 48 -1.29 19.14 -4.63
C PHE A 48 -0.28 20.26 -4.91
N ARG A 49 0.97 19.86 -5.13
CA ARG A 49 2.01 20.84 -5.39
C ARG A 49 1.67 21.60 -6.68
N SER A 50 1.40 20.85 -7.75
CA SER A 50 1.07 21.47 -9.03
C SER A 50 -0.32 22.12 -8.98
N GLY A 51 -0.44 23.28 -9.61
CA GLY A 51 -1.73 23.99 -9.64
C GLY A 51 -2.77 23.17 -10.40
N GLY A 52 -2.35 22.61 -11.52
CA GLY A 52 -3.24 21.81 -12.35
C GLY A 52 -4.24 22.71 -13.08
N ASN A 53 -3.71 23.69 -13.80
CA ASN A 53 -4.55 24.62 -14.54
C ASN A 53 -4.66 24.21 -16.00
N LYS A 54 -4.33 22.96 -16.31
CA LYS A 54 -4.41 22.47 -17.68
C LYS A 54 -5.83 22.57 -18.20
N LYS A 55 -6.80 22.25 -17.34
CA LYS A 55 -8.21 22.31 -17.74
C LYS A 55 -8.56 23.75 -18.11
N ARG A 56 -8.07 24.70 -17.32
CA ARG A 56 -8.34 26.11 -17.56
C ARG A 56 -7.64 26.58 -18.85
N ARG A 57 -6.45 26.04 -19.10
CA ARG A 57 -5.69 26.42 -20.29
C ARG A 57 -5.44 27.92 -20.31
N GLN A 58 -5.21 28.50 -19.13
CA GLN A 58 -4.95 29.93 -19.02
C GLN A 58 -3.78 30.19 -18.07
N ILE A 59 -2.84 31.02 -18.52
CA ILE A 59 -1.67 31.34 -17.70
C ILE A 59 -1.46 32.85 -17.63
N ASN A 60 -0.93 33.32 -16.50
CA ASN A 60 -0.68 34.74 -16.31
C ASN A 60 0.56 34.97 -15.47
N GLU A 61 1.32 36.01 -15.80
CA GLU A 61 2.53 36.36 -15.05
C GLU A 61 3.42 35.14 -14.87
N ASP A 62 3.58 34.34 -15.92
CA ASP A 62 4.42 33.16 -15.85
C ASP A 62 4.93 32.77 -17.23
N GLU A 63 5.86 31.82 -17.26
CA GLU A 63 6.42 31.35 -18.53
C GLU A 63 6.67 29.85 -18.49
N PRO A 64 5.62 29.07 -18.58
CA PRO A 64 5.71 27.58 -18.56
C PRO A 64 6.74 27.05 -19.56
N LEU A 1 3.36 -17.86 29.07
CA LEU A 1 4.19 -16.77 29.65
C LEU A 1 3.74 -15.43 29.08
N ASP A 2 3.47 -15.40 27.78
CA ASP A 2 3.02 -14.18 27.12
C ASP A 2 1.73 -14.43 26.36
N ARG A 3 0.61 -14.39 27.07
CA ARG A 3 -0.69 -14.62 26.46
C ARG A 3 -1.44 -13.30 26.26
N TRP A 4 -0.84 -12.20 26.71
CA TRP A 4 -1.47 -10.89 26.58
C TRP A 4 -0.60 -9.94 25.76
N TYR A 5 0.52 -10.46 25.28
CA TYR A 5 1.45 -9.67 24.48
C TYR A 5 1.69 -10.31 23.12
N LEU A 6 1.76 -9.47 22.08
CA LEU A 6 1.97 -9.96 20.72
C LEU A 6 2.86 -11.19 20.71
N GLY A 7 2.55 -12.12 19.81
CA GLY A 7 3.31 -13.37 19.70
C GLY A 7 2.66 -14.45 20.54
N GLY A 8 1.70 -14.05 21.38
CA GLY A 8 0.99 -14.98 22.23
C GLY A 8 -0.16 -15.63 21.49
N SER A 9 -0.82 -16.59 22.13
CA SER A 9 -1.96 -17.27 21.53
C SER A 9 -3.23 -16.46 21.73
N PRO A 10 -4.17 -16.52 20.82
CA PRO A 10 -5.45 -15.75 20.95
C PRO A 10 -6.33 -16.29 22.09
N LYS A 11 -7.12 -17.32 21.79
CA LYS A 11 -8.00 -17.91 22.79
C LYS A 11 -7.33 -19.10 23.46
N GLY A 12 -6.21 -19.55 22.89
CA GLY A 12 -5.48 -20.68 23.45
C GLY A 12 -6.18 -22.00 23.14
N ASP A 13 -7.09 -21.97 22.17
CA ASP A 13 -7.80 -23.18 21.78
C ASP A 13 -8.41 -23.04 20.38
N VAL A 14 -7.58 -22.65 19.42
CA VAL A 14 -8.04 -22.49 18.05
C VAL A 14 -6.92 -22.84 17.07
N ASP A 15 -7.29 -23.28 15.87
CA ASP A 15 -6.31 -23.64 14.85
C ASP A 15 -6.67 -23.01 13.50
N PRO A 16 -6.64 -21.70 13.43
CA PRO A 16 -6.98 -20.95 12.18
C PRO A 16 -5.83 -20.92 11.18
N PHE A 17 -4.76 -21.64 11.47
CA PHE A 17 -3.61 -21.65 10.58
C PHE A 17 -3.98 -22.19 9.20
N TYR A 18 -4.77 -23.25 9.14
CA TYR A 18 -5.16 -23.83 7.86
C TYR A 18 -6.10 -22.90 7.11
N TYR A 19 -6.85 -22.09 7.86
CA TYR A 19 -7.78 -21.15 7.24
C TYR A 19 -7.03 -20.18 6.34
N ASP A 20 -5.96 -19.60 6.90
CA ASP A 20 -5.14 -18.65 6.16
C ASP A 20 -4.39 -19.35 5.03
N TYR A 21 -4.10 -20.63 5.23
CA TYR A 21 -3.38 -21.41 4.21
C TYR A 21 -4.17 -21.48 2.92
N GLU A 22 -5.48 -21.75 3.05
CA GLU A 22 -6.33 -21.87 1.86
C GLU A 22 -6.27 -20.58 1.05
N THR A 23 -6.25 -19.45 1.74
CA THR A 23 -6.19 -18.16 1.08
C THR A 23 -4.88 -18.00 0.28
N VAL A 24 -3.80 -18.53 0.83
CA VAL A 24 -2.47 -18.40 0.22
C VAL A 24 -2.48 -18.50 -1.31
N ARG A 25 -3.49 -19.14 -1.89
CA ARG A 25 -3.54 -19.22 -3.35
C ARG A 25 -4.08 -17.93 -3.95
N ASN A 26 -5.26 -17.50 -3.49
CA ASN A 26 -5.88 -16.28 -3.99
C ASN A 26 -5.47 -15.08 -3.14
N GLY A 27 -4.71 -15.32 -2.09
CA GLY A 27 -4.27 -14.25 -1.19
C GLY A 27 -3.44 -13.21 -1.93
N GLY A 28 -2.53 -13.67 -2.79
CA GLY A 28 -1.68 -12.75 -3.53
C GLY A 28 -2.50 -11.82 -4.42
N LEU A 29 -3.51 -12.37 -5.08
CA LEU A 29 -4.33 -11.56 -5.97
C LEU A 29 -4.99 -10.42 -5.19
N ILE A 30 -5.56 -10.73 -4.05
CA ILE A 30 -6.22 -9.72 -3.23
C ILE A 30 -5.23 -8.64 -2.80
N PHE A 31 -4.05 -9.05 -2.38
CA PHE A 31 -3.03 -8.12 -1.94
C PHE A 31 -2.63 -7.16 -3.07
N ALA A 32 -2.40 -7.69 -4.25
CA ALA A 32 -1.98 -6.87 -5.39
C ALA A 32 -3.00 -5.77 -5.68
N GLY A 33 -4.30 -6.10 -5.65
CA GLY A 33 -5.31 -5.10 -5.92
C GLY A 33 -5.23 -3.96 -4.90
N LEU A 34 -4.97 -4.32 -3.66
CA LEU A 34 -4.84 -3.32 -2.59
C LEU A 34 -3.61 -2.45 -2.85
N ALA A 35 -2.54 -3.09 -3.32
CA ALA A 35 -1.30 -2.37 -3.61
C ALA A 35 -1.53 -1.34 -4.70
N PHE A 36 -2.24 -1.73 -5.75
CA PHE A 36 -2.50 -0.83 -6.87
C PHE A 36 -3.28 0.42 -6.45
N ILE A 37 -4.36 0.24 -5.70
CA ILE A 37 -5.19 1.37 -5.29
C ILE A 37 -4.40 2.40 -4.49
N VAL A 38 -3.66 1.95 -3.48
CA VAL A 38 -2.91 2.91 -2.66
C VAL A 38 -1.97 3.74 -3.54
N GLY A 39 -1.42 3.11 -4.58
CA GLY A 39 -0.51 3.80 -5.49
C GLY A 39 -1.18 4.97 -6.20
N LEU A 40 -2.44 4.81 -6.57
CA LEU A 40 -3.16 5.87 -7.27
C LEU A 40 -3.19 7.12 -6.39
N LEU A 41 -3.54 6.93 -5.12
CA LEU A 41 -3.65 8.04 -4.18
C LEU A 41 -2.34 8.82 -4.08
N ILE A 42 -1.21 8.11 -4.21
CA ILE A 42 0.09 8.77 -4.12
C ILE A 42 0.24 9.82 -5.24
N LEU A 43 -0.18 9.47 -6.44
CA LEU A 43 -0.06 10.40 -7.56
C LEU A 43 -0.81 11.69 -7.27
N LEU A 44 -1.98 11.57 -6.64
CA LEU A 44 -2.79 12.73 -6.30
C LEU A 44 -2.04 13.67 -5.37
N SER A 45 -1.20 13.11 -4.50
CA SER A 45 -0.45 13.94 -3.58
C SER A 45 0.40 14.91 -4.36
N ARG A 46 0.99 14.45 -5.46
CA ARG A 46 1.80 15.31 -6.30
C ARG A 46 0.97 16.46 -6.85
N ARG A 47 -0.28 16.17 -7.19
CA ARG A 47 -1.16 17.20 -7.75
C ARG A 47 -1.25 18.41 -6.84
N PHE A 48 -1.09 18.21 -5.54
CA PHE A 48 -1.15 19.35 -4.62
C PHE A 48 -0.08 20.37 -4.97
N ARG A 49 1.11 19.88 -5.34
CA ARG A 49 2.18 20.76 -5.74
C ARG A 49 2.16 20.95 -7.25
N SER A 50 2.14 19.82 -7.97
CA SER A 50 2.12 19.83 -9.44
C SER A 50 3.53 19.92 -9.98
N GLY A 51 4.46 19.21 -9.35
CA GLY A 51 5.86 19.21 -9.78
C GLY A 51 6.61 20.42 -9.24
N GLY A 52 5.90 21.25 -8.48
CA GLY A 52 6.52 22.44 -7.90
C GLY A 52 7.13 23.31 -8.99
N ASN A 53 8.40 23.67 -8.79
CA ASN A 53 9.11 24.50 -9.77
C ASN A 53 9.51 23.64 -10.98
N LYS A 54 9.58 24.28 -12.15
CA LYS A 54 9.97 23.55 -13.36
C LYS A 54 10.88 24.42 -14.23
N LYS A 55 11.97 23.83 -14.71
CA LYS A 55 12.92 24.55 -15.55
C LYS A 55 12.91 23.97 -16.97
N ARG A 56 12.70 22.66 -17.07
CA ARG A 56 12.67 21.99 -18.36
C ARG A 56 11.45 22.41 -19.15
N ARG A 57 10.32 22.57 -18.44
CA ARG A 57 9.07 22.97 -19.07
C ARG A 57 8.93 22.37 -20.47
N GLN A 58 8.60 23.22 -21.44
CA GLN A 58 8.46 22.78 -22.82
C GLN A 58 9.13 23.76 -23.78
N ILE A 59 9.97 23.26 -24.67
CA ILE A 59 10.66 24.10 -25.64
C ILE A 59 10.52 23.52 -27.04
N ASN A 60 10.46 22.20 -27.13
CA ASN A 60 10.33 21.53 -28.42
C ASN A 60 9.99 20.05 -28.22
N GLU A 61 9.44 19.43 -29.25
CA GLU A 61 9.10 18.01 -29.16
C GLU A 61 10.37 17.19 -28.96
N ASP A 62 11.39 17.50 -29.74
CA ASP A 62 12.66 16.78 -29.65
C ASP A 62 13.75 17.53 -30.41
N GLU A 63 15.01 17.13 -30.16
CA GLU A 63 16.15 17.76 -30.82
C GLU A 63 17.06 16.72 -31.45
N PRO A 64 16.62 16.07 -32.50
CA PRO A 64 17.41 15.02 -33.20
C PRO A 64 18.48 15.63 -34.11
N LEU A 1 4.10 -1.96 18.68
CA LEU A 1 4.55 -3.25 19.27
C LEU A 1 3.74 -4.40 18.68
N ASP A 2 4.35 -5.14 17.76
CA ASP A 2 3.70 -6.27 17.12
C ASP A 2 4.44 -7.56 17.44
N ARG A 3 3.75 -8.69 17.32
CA ARG A 3 4.37 -9.99 17.58
C ARG A 3 4.13 -10.94 16.41
N TRP A 4 3.59 -10.39 15.32
CA TRP A 4 3.30 -11.19 14.13
C TRP A 4 4.31 -10.91 13.03
N TYR A 5 5.40 -10.24 13.38
CA TYR A 5 6.43 -9.91 12.42
C TYR A 5 7.49 -11.01 12.34
N LEU A 6 8.29 -10.97 11.28
CA LEU A 6 9.33 -11.97 11.08
C LEU A 6 10.14 -12.18 12.36
N GLY A 7 10.83 -13.31 12.44
CA GLY A 7 11.63 -13.63 13.62
C GLY A 7 10.78 -14.24 14.73
N GLY A 8 9.50 -14.45 14.44
CA GLY A 8 8.59 -15.05 15.41
C GLY A 8 8.61 -16.57 15.31
N SER A 9 8.74 -17.22 16.47
CA SER A 9 8.78 -18.68 16.51
C SER A 9 7.47 -19.24 17.06
N PRO A 10 7.07 -20.43 16.65
CA PRO A 10 5.80 -21.06 17.13
C PRO A 10 5.90 -21.51 18.58
N LYS A 11 5.66 -20.58 19.50
CA LYS A 11 5.72 -20.89 20.92
C LYS A 11 4.51 -21.71 21.35
N GLY A 12 3.55 -21.84 20.47
CA GLY A 12 2.34 -22.60 20.77
C GLY A 12 1.23 -21.68 21.25
N ASP A 13 1.46 -20.38 21.15
CA ASP A 13 0.46 -19.40 21.56
C ASP A 13 -0.77 -19.53 20.66
N VAL A 14 -0.59 -19.20 19.39
CA VAL A 14 -1.67 -19.30 18.41
C VAL A 14 -1.10 -19.75 17.06
N ASP A 15 -1.90 -20.48 16.29
CA ASP A 15 -1.45 -20.97 14.99
C ASP A 15 -2.47 -20.63 13.90
N PRO A 16 -2.69 -19.36 13.64
CA PRO A 16 -3.67 -18.90 12.61
C PRO A 16 -3.16 -19.13 11.19
N PHE A 17 -1.90 -19.53 11.06
CA PHE A 17 -1.32 -19.75 9.75
C PHE A 17 -2.10 -20.81 8.97
N TYR A 18 -2.51 -21.87 9.65
CA TYR A 18 -3.26 -22.93 8.97
C TYR A 18 -4.53 -22.38 8.36
N TYR A 19 -5.25 -21.57 9.14
CA TYR A 19 -6.48 -20.95 8.65
C TYR A 19 -6.16 -20.05 7.46
N ASP A 20 -5.14 -19.23 7.64
CA ASP A 20 -4.72 -18.30 6.59
C ASP A 20 -3.97 -19.00 5.47
N TYR A 21 -3.62 -20.27 5.68
CA TYR A 21 -2.89 -21.03 4.67
C TYR A 21 -3.75 -21.20 3.42
N GLU A 22 -5.02 -21.52 3.61
CA GLU A 22 -5.92 -21.74 2.48
C GLU A 22 -6.01 -20.48 1.62
N THR A 23 -6.02 -19.32 2.25
CA THR A 23 -6.10 -18.06 1.50
C THR A 23 -4.85 -17.87 0.65
N VAL A 24 -3.74 -18.46 1.08
CA VAL A 24 -2.47 -18.32 0.37
C VAL A 24 -2.64 -18.47 -1.13
N ARG A 25 -3.70 -19.14 -1.56
CA ARG A 25 -3.93 -19.29 -3.00
C ARG A 25 -4.40 -17.97 -3.60
N ASN A 26 -5.47 -17.42 -3.03
CA ASN A 26 -6.05 -16.16 -3.50
C ASN A 26 -5.51 -14.96 -2.72
N GLY A 27 -4.64 -15.21 -1.74
CA GLY A 27 -4.09 -14.14 -0.93
C GLY A 27 -3.31 -13.11 -1.76
N GLY A 28 -2.49 -13.60 -2.68
CA GLY A 28 -1.68 -12.70 -3.50
C GLY A 28 -2.55 -11.78 -4.35
N LEU A 29 -3.59 -12.34 -4.96
CA LEU A 29 -4.46 -11.55 -5.81
C LEU A 29 -5.10 -10.39 -5.03
N ILE A 30 -5.64 -10.71 -3.86
CA ILE A 30 -6.29 -9.68 -3.04
C ILE A 30 -5.29 -8.59 -2.62
N PHE A 31 -4.11 -9.02 -2.19
CA PHE A 31 -3.09 -8.07 -1.76
C PHE A 31 -2.69 -7.12 -2.90
N ALA A 32 -2.46 -7.69 -4.08
CA ALA A 32 -2.04 -6.89 -5.23
C ALA A 32 -3.06 -5.81 -5.55
N GLY A 33 -4.36 -6.14 -5.50
CA GLY A 33 -5.38 -5.16 -5.81
C GLY A 33 -5.32 -3.97 -4.85
N LEU A 34 -5.09 -4.26 -3.57
CA LEU A 34 -4.98 -3.21 -2.56
C LEU A 34 -3.72 -2.37 -2.82
N ALA A 35 -2.66 -3.06 -3.23
CA ALA A 35 -1.39 -2.38 -3.49
C ALA A 35 -1.57 -1.35 -4.60
N PHE A 36 -2.22 -1.76 -5.68
CA PHE A 36 -2.43 -0.87 -6.84
C PHE A 36 -3.22 0.38 -6.46
N ILE A 37 -4.31 0.22 -5.73
CA ILE A 37 -5.14 1.35 -5.35
C ILE A 37 -4.33 2.39 -4.59
N VAL A 38 -3.51 1.93 -3.65
CA VAL A 38 -2.70 2.84 -2.85
C VAL A 38 -1.81 3.70 -3.75
N GLY A 39 -1.26 3.09 -4.79
CA GLY A 39 -0.39 3.79 -5.73
C GLY A 39 -1.11 4.96 -6.40
N LEU A 40 -2.39 4.75 -6.70
CA LEU A 40 -3.16 5.82 -7.36
C LEU A 40 -3.16 7.08 -6.50
N LEU A 41 -3.46 6.90 -5.21
CA LEU A 41 -3.52 8.03 -4.28
C LEU A 41 -2.20 8.81 -4.26
N ILE A 42 -1.08 8.11 -4.47
CA ILE A 42 0.23 8.77 -4.46
C ILE A 42 0.30 9.82 -5.57
N LEU A 43 -0.19 9.48 -6.75
CA LEU A 43 -0.15 10.42 -7.87
C LEU A 43 -0.87 11.71 -7.49
N LEU A 44 -2.00 11.57 -6.80
CA LEU A 44 -2.78 12.74 -6.40
C LEU A 44 -1.96 13.64 -5.47
N SER A 45 -1.05 13.05 -4.70
CA SER A 45 -0.23 13.83 -3.79
C SER A 45 0.58 14.87 -4.55
N ARG A 46 1.11 14.48 -5.70
CA ARG A 46 1.88 15.41 -6.52
C ARG A 46 1.00 16.58 -6.97
N ARG A 47 -0.25 16.27 -7.33
CA ARG A 47 -1.17 17.31 -7.81
C ARG A 47 -1.33 18.42 -6.78
N PHE A 48 -1.23 18.10 -5.49
CA PHE A 48 -1.37 19.13 -4.47
C PHE A 48 -0.27 20.17 -4.55
N ARG A 49 0.96 19.72 -4.82
CA ARG A 49 2.06 20.67 -4.92
C ARG A 49 1.79 21.62 -6.08
N SER A 50 1.54 21.06 -7.26
CA SER A 50 1.27 21.86 -8.44
C SER A 50 2.38 22.87 -8.68
N GLY A 51 3.59 22.55 -8.21
CA GLY A 51 4.73 23.45 -8.39
C GLY A 51 4.31 24.90 -8.14
N GLY A 52 4.38 25.33 -6.88
CA GLY A 52 4.02 26.70 -6.54
C GLY A 52 4.29 26.98 -5.06
N ASN A 53 4.16 28.25 -4.68
CA ASN A 53 4.38 28.65 -3.30
C ASN A 53 3.36 28.00 -2.37
N LYS A 54 2.11 27.97 -2.82
CA LYS A 54 1.03 27.38 -2.04
C LYS A 54 0.24 26.39 -2.89
N LYS A 55 -0.32 25.37 -2.23
CA LYS A 55 -1.07 24.34 -2.94
C LYS A 55 -2.25 24.96 -3.68
N ARG A 56 -2.96 25.88 -3.01
CA ARG A 56 -4.11 26.53 -3.63
C ARG A 56 -3.67 27.47 -4.75
N ARG A 57 -2.40 27.87 -4.72
CA ARG A 57 -1.84 28.78 -5.72
C ARG A 57 -1.98 30.23 -5.28
N GLN A 58 -2.35 31.09 -6.22
CA GLN A 58 -2.54 32.51 -5.91
C GLN A 58 -3.79 33.03 -6.61
N ILE A 59 -4.60 33.82 -5.91
CA ILE A 59 -5.82 34.35 -6.49
C ILE A 59 -5.49 35.24 -7.69
N ASN A 60 -4.28 35.80 -7.70
CA ASN A 60 -3.85 36.66 -8.79
C ASN A 60 -3.65 35.86 -10.07
N GLU A 61 -3.72 36.55 -11.21
CA GLU A 61 -3.54 35.89 -12.50
C GLU A 61 -4.16 34.50 -12.52
N ASP A 62 -3.34 33.50 -12.80
CA ASP A 62 -3.82 32.13 -12.85
C ASP A 62 -5.16 32.04 -13.55
N GLU A 63 -6.13 31.40 -12.91
CA GLU A 63 -7.45 31.26 -13.49
C GLU A 63 -8.17 32.61 -13.50
N PRO A 64 -9.05 32.87 -14.44
CA PRO A 64 -9.80 34.16 -14.52
C PRO A 64 -10.82 34.29 -13.39
N LEU A 1 9.55 -7.92 30.03
CA LEU A 1 8.40 -8.12 30.95
C LEU A 1 7.17 -8.48 30.13
N ASP A 2 6.52 -9.58 30.49
CA ASP A 2 5.33 -10.03 29.78
C ASP A 2 4.10 -9.28 30.27
N ARG A 3 2.94 -9.65 29.73
CA ARG A 3 1.68 -9.00 30.11
C ARG A 3 1.72 -7.51 29.78
N TRP A 4 1.79 -7.20 28.48
CA TRP A 4 1.82 -5.81 28.04
C TRP A 4 0.40 -5.30 27.85
N TYR A 5 -0.56 -6.22 27.78
CA TYR A 5 -1.96 -5.87 27.60
C TYR A 5 -2.85 -6.82 28.39
N LEU A 6 -3.91 -6.27 28.99
CA LEU A 6 -4.83 -7.10 29.78
C LEU A 6 -5.61 -8.03 28.86
N GLY A 7 -6.08 -9.14 29.40
CA GLY A 7 -6.83 -10.09 28.58
C GLY A 7 -5.88 -11.04 27.87
N GLY A 8 -4.77 -11.36 28.53
CA GLY A 8 -3.78 -12.26 27.96
C GLY A 8 -4.15 -13.71 28.25
N SER A 9 -4.41 -14.46 27.17
CA SER A 9 -4.80 -15.87 27.30
C SER A 9 -3.93 -16.76 26.42
N PRO A 10 -3.73 -18.01 26.77
CA PRO A 10 -2.91 -18.95 25.95
C PRO A 10 -3.35 -18.96 24.48
N LYS A 11 -2.39 -19.09 23.57
CA LYS A 11 -2.68 -19.12 22.15
C LYS A 11 -2.90 -20.56 21.68
N GLY A 12 -2.80 -21.49 22.62
CA GLY A 12 -3.00 -22.90 22.32
C GLY A 12 -1.73 -23.52 21.72
N ASP A 13 -0.68 -22.70 21.62
CA ASP A 13 0.58 -23.19 21.07
C ASP A 13 0.30 -24.04 19.84
N VAL A 14 -0.17 -23.40 18.77
CA VAL A 14 -0.47 -24.11 17.53
C VAL A 14 -0.28 -23.21 16.32
N ASP A 15 0.14 -23.81 15.21
CA ASP A 15 0.37 -23.06 13.98
C ASP A 15 -0.57 -23.56 12.87
N PRO A 16 -1.77 -23.05 12.83
CA PRO A 16 -2.80 -23.48 11.83
C PRO A 16 -2.65 -22.76 10.47
N PHE A 17 -1.42 -22.48 10.08
CA PHE A 17 -1.18 -21.80 8.81
C PHE A 17 -1.74 -22.63 7.66
N TYR A 18 -2.02 -23.91 7.93
CA TYR A 18 -2.57 -24.79 6.91
C TYR A 18 -3.90 -24.23 6.40
N TYR A 19 -4.73 -23.76 7.32
CA TYR A 19 -6.02 -23.18 6.95
C TYR A 19 -5.80 -22.01 5.99
N ASP A 20 -4.76 -21.25 6.24
CA ASP A 20 -4.42 -20.10 5.40
C ASP A 20 -3.92 -20.57 4.02
N TYR A 21 -3.71 -21.87 3.89
CA TYR A 21 -3.20 -22.43 2.64
C TYR A 21 -4.17 -22.15 1.50
N GLU A 22 -5.47 -22.33 1.75
CA GLU A 22 -6.45 -22.09 0.71
C GLU A 22 -6.35 -20.65 0.22
N THR A 23 -6.28 -19.71 1.18
CA THR A 23 -6.16 -18.29 0.83
C THR A 23 -4.84 -18.04 0.11
N VAL A 24 -3.77 -18.61 0.63
CA VAL A 24 -2.43 -18.42 0.07
C VAL A 24 -2.43 -18.53 -1.45
N ARG A 25 -3.39 -19.25 -2.01
CA ARG A 25 -3.45 -19.36 -3.46
C ARG A 25 -3.93 -18.03 -4.07
N ASN A 26 -5.08 -17.57 -3.59
CA ASN A 26 -5.68 -16.33 -4.08
C ASN A 26 -5.26 -15.12 -3.24
N GLY A 27 -4.45 -15.34 -2.22
CA GLY A 27 -4.01 -14.25 -1.36
C GLY A 27 -3.22 -13.19 -2.13
N GLY A 28 -2.34 -13.62 -3.02
CA GLY A 28 -1.52 -12.68 -3.78
C GLY A 28 -2.37 -11.76 -4.65
N LEU A 29 -3.35 -12.33 -5.33
CA LEU A 29 -4.20 -11.54 -6.22
C LEU A 29 -4.92 -10.45 -5.44
N ILE A 30 -5.53 -10.81 -4.32
CA ILE A 30 -6.26 -9.83 -3.51
C ILE A 30 -5.33 -8.73 -2.99
N PHE A 31 -4.15 -9.12 -2.52
CA PHE A 31 -3.18 -8.16 -2.01
C PHE A 31 -2.75 -7.17 -3.08
N ALA A 32 -2.46 -7.68 -4.27
CA ALA A 32 -2.01 -6.82 -5.36
C ALA A 32 -3.03 -5.75 -5.70
N GLY A 33 -4.32 -6.11 -5.73
CA GLY A 33 -5.35 -5.13 -6.05
C GLY A 33 -5.35 -4.00 -5.04
N LEU A 34 -5.16 -4.36 -3.77
CA LEU A 34 -5.11 -3.35 -2.70
C LEU A 34 -3.86 -2.49 -2.86
N ALA A 35 -2.76 -3.15 -3.22
CA ALA A 35 -1.49 -2.45 -3.39
C ALA A 35 -1.61 -1.36 -4.45
N PHE A 36 -2.17 -1.71 -5.61
CA PHE A 36 -2.29 -0.75 -6.71
C PHE A 36 -3.17 0.45 -6.33
N ILE A 37 -4.26 0.21 -5.61
CA ILE A 37 -5.14 1.32 -5.23
C ILE A 37 -4.38 2.36 -4.42
N VAL A 38 -3.57 1.90 -3.48
CA VAL A 38 -2.80 2.81 -2.63
C VAL A 38 -1.88 3.69 -3.49
N GLY A 39 -1.28 3.09 -4.51
CA GLY A 39 -0.37 3.81 -5.40
C GLY A 39 -1.05 4.97 -6.11
N LEU A 40 -2.32 4.78 -6.46
CA LEU A 40 -3.05 5.85 -7.14
C LEU A 40 -3.09 7.10 -6.24
N LEU A 41 -3.36 6.87 -4.96
CA LEU A 41 -3.45 7.96 -3.99
C LEU A 41 -2.16 8.78 -3.98
N ILE A 42 -1.02 8.11 -4.13
CA ILE A 42 0.27 8.80 -4.12
C ILE A 42 0.33 9.84 -5.24
N LEU A 43 -0.15 9.48 -6.42
CA LEU A 43 -0.11 10.40 -7.55
C LEU A 43 -0.86 11.70 -7.20
N LEU A 44 -1.99 11.57 -6.52
CA LEU A 44 -2.78 12.74 -6.14
C LEU A 44 -1.97 13.67 -5.24
N SER A 45 -1.05 13.11 -4.46
CA SER A 45 -0.23 13.93 -3.58
C SER A 45 0.52 14.94 -4.42
N ARG A 46 1.05 14.49 -5.54
CA ARG A 46 1.78 15.37 -6.45
C ARG A 46 0.88 16.49 -6.95
N ARG A 47 -0.39 16.17 -7.20
CA ARG A 47 -1.33 17.15 -7.72
C ARG A 47 -1.38 18.39 -6.84
N PHE A 48 -1.09 18.24 -5.55
CA PHE A 48 -1.13 19.39 -4.65
C PHE A 48 -0.14 20.46 -5.11
N ARG A 49 1.02 20.03 -5.60
CA ARG A 49 2.01 20.99 -6.08
C ARG A 49 1.78 21.30 -7.56
N SER A 50 1.75 20.25 -8.39
CA SER A 50 1.53 20.43 -9.82
C SER A 50 0.05 20.26 -10.18
N GLY A 51 -0.35 20.80 -11.32
CA GLY A 51 -1.73 20.69 -11.76
C GLY A 51 -2.65 21.53 -10.88
N GLY A 52 -2.07 22.53 -10.22
CA GLY A 52 -2.84 23.40 -9.34
C GLY A 52 -3.97 24.08 -10.12
N ASN A 53 -5.17 24.05 -9.56
CA ASN A 53 -6.33 24.67 -10.19
C ASN A 53 -7.29 25.22 -9.15
N LYS A 54 -7.81 26.42 -9.40
CA LYS A 54 -8.75 27.04 -8.47
C LYS A 54 -9.84 27.77 -9.24
N LYS A 55 -10.56 27.04 -10.08
CA LYS A 55 -11.64 27.61 -10.87
C LYS A 55 -13.00 27.08 -10.40
N ARG A 56 -12.98 26.31 -9.32
CA ARG A 56 -14.21 25.74 -8.78
C ARG A 56 -14.47 26.23 -7.36
N ARG A 57 -13.67 27.20 -6.92
CA ARG A 57 -13.82 27.75 -5.57
C ARG A 57 -13.77 29.28 -5.64
N GLN A 58 -14.49 29.93 -4.72
CA GLN A 58 -14.52 31.38 -4.68
C GLN A 58 -14.35 31.88 -3.24
N ILE A 59 -13.83 33.10 -3.11
CA ILE A 59 -13.62 33.70 -1.79
C ILE A 59 -14.35 35.03 -1.68
N ASN A 60 -14.65 35.43 -0.44
CA ASN A 60 -15.35 36.69 -0.19
C ASN A 60 -14.46 37.66 0.57
N GLU A 61 -14.72 38.95 0.40
CA GLU A 61 -13.95 39.99 1.08
C GLU A 61 -14.21 39.94 2.58
N ASP A 62 -13.25 40.41 3.36
CA ASP A 62 -13.38 40.41 4.81
C ASP A 62 -14.56 41.29 5.24
N GLU A 63 -15.24 40.87 6.30
CA GLU A 63 -16.40 41.62 6.81
C GLU A 63 -15.94 42.92 7.46
N PRO A 64 -16.74 43.96 7.42
CA PRO A 64 -16.37 45.28 8.03
C PRO A 64 -16.35 45.21 9.55
N LEU A 1 14.88 -16.22 12.15
CA LEU A 1 14.42 -15.32 11.06
C LEU A 1 13.29 -14.44 11.57
N ASP A 2 12.78 -14.76 12.75
CA ASP A 2 11.69 -13.99 13.35
C ASP A 2 12.06 -13.55 14.76
N ARG A 3 11.16 -12.80 15.39
CA ARG A 3 11.39 -12.31 16.75
C ARG A 3 12.84 -11.87 16.92
N TRP A 4 13.38 -12.06 18.12
CA TRP A 4 14.76 -11.69 18.39
C TRP A 4 15.72 -12.81 18.01
N TYR A 5 15.22 -14.04 18.03
CA TYR A 5 16.03 -15.20 17.67
C TYR A 5 16.16 -15.33 16.16
N LEU A 6 17.34 -15.75 15.70
CA LEU A 6 17.58 -15.93 14.29
C LEU A 6 18.12 -17.33 14.02
N GLY A 7 17.61 -18.00 12.99
CA GLY A 7 18.07 -19.34 12.65
C GLY A 7 17.45 -20.38 13.57
N GLY A 8 16.54 -19.94 14.43
CA GLY A 8 15.88 -20.85 15.37
C GLY A 8 14.96 -21.83 14.64
N SER A 9 14.83 -23.02 15.22
CA SER A 9 13.97 -24.06 14.65
C SER A 9 12.52 -23.88 15.14
N PRO A 10 11.52 -23.93 14.28
CA PRO A 10 10.11 -23.76 14.73
C PRO A 10 9.82 -24.61 15.97
N LYS A 11 9.18 -24.00 16.96
CA LYS A 11 8.85 -24.70 18.20
C LYS A 11 7.43 -25.28 18.15
N GLY A 12 6.75 -25.12 17.02
CA GLY A 12 5.40 -25.62 16.88
C GLY A 12 4.41 -24.71 17.62
N ASP A 13 4.84 -23.47 17.84
CA ASP A 13 3.99 -22.51 18.53
C ASP A 13 2.64 -22.43 17.80
N VAL A 14 2.66 -21.92 16.58
CA VAL A 14 1.45 -21.83 15.78
C VAL A 14 1.77 -22.12 14.32
N ASP A 15 0.84 -22.74 13.60
CA ASP A 15 1.05 -23.06 12.19
C ASP A 15 -0.13 -22.59 11.36
N PRO A 16 -0.31 -21.29 11.23
CA PRO A 16 -1.42 -20.69 10.44
C PRO A 16 -1.19 -20.81 8.93
N PHE A 17 0.00 -21.28 8.56
CA PHE A 17 0.33 -21.41 7.14
C PHE A 17 -0.62 -22.37 6.44
N TYR A 18 -0.96 -23.47 7.11
CA TYR A 18 -1.86 -24.46 6.50
C TYR A 18 -3.20 -23.82 6.15
N TYR A 19 -3.75 -23.04 7.07
CA TYR A 19 -5.02 -22.37 6.82
C TYR A 19 -4.82 -21.28 5.78
N ASP A 20 -3.68 -20.60 5.87
CA ASP A 20 -3.36 -19.52 4.94
C ASP A 20 -2.94 -20.09 3.58
N TYR A 21 -2.63 -21.38 3.54
CA TYR A 21 -2.20 -22.02 2.30
C TYR A 21 -3.31 -21.97 1.26
N GLU A 22 -4.53 -22.26 1.67
CA GLU A 22 -5.65 -22.27 0.73
C GLU A 22 -5.79 -20.91 0.05
N THR A 23 -5.58 -19.84 0.79
CA THR A 23 -5.68 -18.49 0.23
C THR A 23 -4.56 -18.26 -0.79
N VAL A 24 -3.44 -18.94 -0.59
CA VAL A 24 -2.27 -18.76 -1.45
C VAL A 24 -2.65 -18.68 -2.93
N ARG A 25 -3.79 -19.24 -3.29
CA ARG A 25 -4.22 -19.18 -4.69
C ARG A 25 -4.73 -17.76 -5.02
N ASN A 26 -5.69 -17.31 -4.24
CA ASN A 26 -6.30 -15.99 -4.43
C ASN A 26 -5.61 -14.91 -3.58
N GLY A 27 -4.62 -15.30 -2.80
CA GLY A 27 -3.93 -14.35 -1.94
C GLY A 27 -3.21 -13.25 -2.73
N GLY A 28 -2.53 -13.62 -3.81
CA GLY A 28 -1.81 -12.65 -4.61
C GLY A 28 -2.74 -11.59 -5.21
N LEU A 29 -3.85 -12.06 -5.77
CA LEU A 29 -4.79 -11.14 -6.43
C LEU A 29 -5.32 -10.10 -5.44
N ILE A 30 -5.73 -10.56 -4.25
CA ILE A 30 -6.26 -9.64 -3.25
C ILE A 30 -5.23 -8.60 -2.82
N PHE A 31 -4.00 -9.06 -2.57
CA PHE A 31 -2.93 -8.17 -2.15
C PHE A 31 -2.62 -7.14 -3.23
N ALA A 32 -2.50 -7.61 -4.47
CA ALA A 32 -2.17 -6.72 -5.57
C ALA A 32 -3.22 -5.62 -5.75
N GLY A 33 -4.50 -5.97 -5.61
CA GLY A 33 -5.56 -4.98 -5.78
C GLY A 33 -5.42 -3.86 -4.73
N LEU A 34 -5.08 -4.24 -3.51
CA LEU A 34 -4.90 -3.25 -2.46
C LEU A 34 -3.65 -2.42 -2.72
N ALA A 35 -2.61 -3.10 -3.19
CA ALA A 35 -1.35 -2.44 -3.49
C ALA A 35 -1.55 -1.37 -4.56
N PHE A 36 -2.24 -1.74 -5.63
CA PHE A 36 -2.48 -0.83 -6.75
C PHE A 36 -3.25 0.43 -6.32
N ILE A 37 -4.32 0.24 -5.56
CA ILE A 37 -5.14 1.37 -5.13
C ILE A 37 -4.32 2.40 -4.34
N VAL A 38 -3.49 1.92 -3.43
CA VAL A 38 -2.65 2.82 -2.63
C VAL A 38 -1.76 3.68 -3.52
N GLY A 39 -1.23 3.08 -4.58
CA GLY A 39 -0.36 3.78 -5.51
C GLY A 39 -1.09 4.94 -6.18
N LEU A 40 -2.37 4.76 -6.48
CA LEU A 40 -3.15 5.80 -7.13
C LEU A 40 -3.15 7.08 -6.28
N LEU A 41 -3.45 6.91 -4.99
CA LEU A 41 -3.51 8.06 -4.08
C LEU A 41 -2.20 8.83 -4.06
N ILE A 42 -1.09 8.12 -4.20
CA ILE A 42 0.24 8.76 -4.18
C ILE A 42 0.36 9.79 -5.32
N LEU A 43 -0.11 9.43 -6.50
CA LEU A 43 -0.02 10.33 -7.64
C LEU A 43 -0.79 11.62 -7.36
N LEU A 44 -1.95 11.50 -6.73
CA LEU A 44 -2.78 12.65 -6.42
C LEU A 44 -2.03 13.64 -5.52
N SER A 45 -1.14 13.12 -4.66
CA SER A 45 -0.38 13.98 -3.77
C SER A 45 0.51 14.93 -4.56
N ARG A 46 1.10 14.42 -5.63
CA ARG A 46 1.98 15.24 -6.47
C ARG A 46 1.20 16.41 -7.08
N ARG A 47 -0.03 16.14 -7.50
CA ARG A 47 -0.87 17.17 -8.12
C ARG A 47 -1.21 18.28 -7.14
N PHE A 48 -1.19 17.99 -5.85
CA PHE A 48 -1.50 19.01 -4.85
C PHE A 48 -0.51 20.16 -4.96
N ARG A 49 0.77 19.83 -4.98
CA ARG A 49 1.79 20.86 -5.07
C ARG A 49 1.64 21.64 -6.37
N SER A 50 1.57 20.92 -7.48
CA SER A 50 1.43 21.55 -8.79
C SER A 50 0.05 22.20 -8.93
N GLY A 51 -0.91 21.73 -8.15
CA GLY A 51 -2.27 22.26 -8.21
C GLY A 51 -2.86 22.07 -9.60
N GLY A 52 -3.42 23.15 -10.16
CA GLY A 52 -4.05 23.09 -11.48
C GLY A 52 -3.19 22.29 -12.46
N ASN A 53 -3.86 21.58 -13.36
CA ASN A 53 -3.17 20.76 -14.35
C ASN A 53 -2.03 21.52 -15.00
N LYS A 54 -0.85 21.44 -14.39
CA LYS A 54 0.33 22.12 -14.92
C LYS A 54 -0.01 23.54 -15.35
N LYS A 55 0.29 24.49 -14.49
CA LYS A 55 0.03 25.90 -14.78
C LYS A 55 0.86 26.34 -15.98
N ARG A 56 2.09 25.86 -16.06
CA ARG A 56 2.99 26.21 -17.16
C ARG A 56 2.49 25.62 -18.48
N ARG A 57 1.95 24.41 -18.41
CA ARG A 57 1.44 23.75 -19.61
C ARG A 57 2.54 23.65 -20.65
N GLN A 58 2.17 23.65 -21.92
CA GLN A 58 3.15 23.58 -23.00
C GLN A 58 2.85 24.63 -24.07
N ILE A 59 3.90 25.35 -24.48
CA ILE A 59 3.74 26.39 -25.50
C ILE A 59 3.47 25.76 -26.87
N ASN A 60 4.11 24.62 -27.11
CA ASN A 60 3.95 23.92 -28.38
C ASN A 60 2.95 22.76 -28.25
N GLU A 61 2.32 22.42 -29.37
CA GLU A 61 1.33 21.35 -29.37
C GLU A 61 0.21 21.64 -28.38
N ASP A 62 -0.51 22.72 -28.63
CA ASP A 62 -1.62 23.11 -27.76
C ASP A 62 -2.70 22.05 -27.78
N GLU A 63 -3.36 21.84 -26.65
CA GLU A 63 -4.42 20.85 -26.56
C GLU A 63 -5.66 21.30 -27.35
N PRO A 64 -6.42 20.39 -27.91
CA PRO A 64 -7.63 20.73 -28.69
C PRO A 64 -8.75 21.28 -27.80
N LEU A 1 14.22 -17.13 17.11
CA LEU A 1 14.85 -16.65 18.37
C LEU A 1 15.21 -15.17 18.21
N ASP A 2 15.34 -14.72 16.97
CA ASP A 2 15.70 -13.34 16.70
C ASP A 2 14.59 -12.39 17.10
N ARG A 3 14.89 -11.09 16.99
CA ARG A 3 13.92 -10.04 17.36
C ARG A 3 13.59 -10.15 18.85
N TRP A 4 12.87 -9.15 19.37
CA TRP A 4 12.49 -9.17 20.78
C TRP A 4 10.98 -8.99 20.93
N TYR A 5 10.36 -8.32 19.97
CA TYR A 5 8.92 -8.11 20.00
C TYR A 5 8.33 -8.26 18.61
N LEU A 6 7.30 -9.10 18.50
CA LEU A 6 6.65 -9.33 17.22
C LEU A 6 5.25 -9.88 17.44
N GLY A 7 4.36 -9.69 16.45
CA GLY A 7 3.00 -10.18 16.57
C GLY A 7 2.08 -9.12 17.18
N GLY A 8 2.67 -7.99 17.57
CA GLY A 8 1.90 -6.92 18.16
C GLY A 8 1.21 -7.37 19.44
N SER A 9 -0.10 -7.19 19.50
CA SER A 9 -0.88 -7.60 20.67
C SER A 9 -2.04 -8.50 20.26
N PRO A 10 -1.77 -9.77 20.05
CA PRO A 10 -2.82 -10.75 19.64
C PRO A 10 -3.70 -11.19 20.81
N LYS A 11 -4.87 -11.71 20.49
CA LYS A 11 -5.81 -12.18 21.51
C LYS A 11 -5.37 -13.54 22.05
N GLY A 12 -4.36 -14.12 21.42
CA GLY A 12 -3.85 -15.42 21.84
C GLY A 12 -4.42 -16.53 20.96
N ASP A 13 -5.25 -16.14 19.99
CA ASP A 13 -5.85 -17.10 19.07
C ASP A 13 -5.08 -17.12 17.75
N VAL A 14 -4.28 -18.15 17.55
CA VAL A 14 -3.49 -18.26 16.32
C VAL A 14 -3.57 -19.67 15.74
N ASP A 15 -3.98 -19.78 14.48
CA ASP A 15 -4.10 -21.07 13.82
C ASP A 15 -4.17 -20.91 12.30
N PRO A 16 -3.18 -20.30 11.71
CA PRO A 16 -3.13 -20.07 10.23
C PRO A 16 -2.96 -21.36 9.44
N PHE A 17 -2.46 -22.41 10.09
CA PHE A 17 -2.22 -23.68 9.42
C PHE A 17 -3.48 -24.22 8.76
N TYR A 18 -4.59 -23.51 8.91
CA TYR A 18 -5.85 -23.93 8.31
C TYR A 18 -6.24 -22.99 7.17
N TYR A 19 -6.13 -21.68 7.43
CA TYR A 19 -6.48 -20.68 6.42
C TYR A 19 -5.28 -20.30 5.57
N ASP A 20 -4.09 -20.68 6.02
CA ASP A 20 -2.86 -20.36 5.26
C ASP A 20 -2.88 -21.00 3.89
N TYR A 21 -3.26 -22.27 3.83
CA TYR A 21 -3.28 -22.98 2.55
C TYR A 21 -4.34 -22.37 1.64
N GLU A 22 -5.49 -22.04 2.21
CA GLU A 22 -6.57 -21.46 1.43
C GLU A 22 -6.24 -20.04 0.97
N THR A 23 -5.82 -19.19 1.92
CA THR A 23 -5.51 -17.80 1.62
C THR A 23 -4.33 -17.63 0.67
N VAL A 24 -3.21 -18.27 0.97
CA VAL A 24 -2.00 -18.12 0.15
C VAL A 24 -2.28 -18.25 -1.35
N ARG A 25 -3.35 -18.96 -1.70
CA ARG A 25 -3.67 -19.10 -3.12
C ARG A 25 -4.23 -17.79 -3.68
N ASN A 26 -5.28 -17.30 -3.02
CA ASN A 26 -5.94 -16.06 -3.45
C ASN A 26 -5.36 -14.84 -2.74
N GLY A 27 -4.40 -15.06 -1.85
CA GLY A 27 -3.80 -13.97 -1.10
C GLY A 27 -3.10 -12.95 -2.00
N GLY A 28 -2.37 -13.44 -2.99
CA GLY A 28 -1.64 -12.54 -3.89
C GLY A 28 -2.58 -11.61 -4.65
N LEU A 29 -3.67 -12.16 -5.17
CA LEU A 29 -4.61 -11.35 -5.94
C LEU A 29 -5.18 -10.22 -5.07
N ILE A 30 -5.63 -10.57 -3.87
CA ILE A 30 -6.20 -9.57 -2.97
C ILE A 30 -5.18 -8.49 -2.59
N PHE A 31 -3.96 -8.92 -2.27
CA PHE A 31 -2.92 -7.99 -1.88
C PHE A 31 -2.59 -7.02 -3.01
N ALA A 32 -2.43 -7.55 -4.22
CA ALA A 32 -2.08 -6.70 -5.36
C ALA A 32 -3.12 -5.63 -5.61
N GLY A 33 -4.40 -5.97 -5.52
CA GLY A 33 -5.45 -4.99 -5.75
C GLY A 33 -5.35 -3.85 -4.74
N LEU A 34 -5.06 -4.20 -3.49
CA LEU A 34 -4.92 -3.20 -2.45
C LEU A 34 -3.68 -2.35 -2.72
N ALA A 35 -2.62 -3.03 -3.14
CA ALA A 35 -1.36 -2.35 -3.44
C ALA A 35 -1.57 -1.32 -4.55
N PHE A 36 -2.23 -1.75 -5.62
CA PHE A 36 -2.47 -0.89 -6.79
C PHE A 36 -3.26 0.37 -6.42
N ILE A 37 -4.35 0.21 -5.68
CA ILE A 37 -5.19 1.35 -5.32
C ILE A 37 -4.37 2.40 -4.56
N VAL A 38 -3.55 1.94 -3.64
CA VAL A 38 -2.73 2.84 -2.85
C VAL A 38 -1.84 3.69 -3.75
N GLY A 39 -1.30 3.09 -4.80
CA GLY A 39 -0.42 3.79 -5.74
C GLY A 39 -1.16 4.94 -6.43
N LEU A 40 -2.44 4.74 -6.73
CA LEU A 40 -3.21 5.79 -7.40
C LEU A 40 -3.20 7.05 -6.54
N LEU A 41 -3.45 6.87 -5.25
CA LEU A 41 -3.51 7.98 -4.31
C LEU A 41 -2.19 8.76 -4.29
N ILE A 42 -1.07 8.06 -4.48
CA ILE A 42 0.24 8.72 -4.46
C ILE A 42 0.34 9.79 -5.56
N LEU A 43 -0.11 9.46 -6.77
CA LEU A 43 -0.05 10.42 -7.87
C LEU A 43 -0.83 11.68 -7.53
N LEU A 44 -1.97 11.50 -6.88
CA LEU A 44 -2.82 12.62 -6.50
C LEU A 44 -2.07 13.59 -5.60
N SER A 45 -1.22 13.05 -4.74
CA SER A 45 -0.45 13.89 -3.81
C SER A 45 0.44 14.86 -4.59
N ARG A 46 1.01 14.41 -5.71
CA ARG A 46 1.85 15.29 -6.50
C ARG A 46 1.06 16.51 -6.96
N ARG A 47 -0.16 16.27 -7.42
CA ARG A 47 -1.01 17.36 -7.90
C ARG A 47 -1.24 18.40 -6.81
N PHE A 48 -1.19 18.00 -5.55
CA PHE A 48 -1.40 18.95 -4.46
C PHE A 48 -0.32 20.03 -4.52
N ARG A 49 0.93 19.60 -4.62
CA ARG A 49 2.04 20.55 -4.69
C ARG A 49 1.92 21.39 -5.95
N SER A 50 1.87 20.72 -7.11
CA SER A 50 1.74 21.41 -8.39
C SER A 50 2.50 22.74 -8.37
N GLY A 51 1.76 23.84 -8.44
CA GLY A 51 2.37 25.16 -8.44
C GLY A 51 3.24 25.34 -7.20
N GLY A 52 4.34 26.08 -7.35
CA GLY A 52 5.25 26.30 -6.24
C GLY A 52 6.42 25.31 -6.29
N ASN A 53 6.65 24.73 -7.46
CA ASN A 53 7.74 23.78 -7.63
C ASN A 53 8.15 23.70 -9.10
N LYS A 54 9.22 22.95 -9.37
CA LYS A 54 9.70 22.80 -10.74
C LYS A 54 9.92 24.17 -11.36
N LYS A 55 10.73 25.00 -10.70
CA LYS A 55 11.00 26.34 -11.21
C LYS A 55 11.66 26.27 -12.58
N ARG A 56 12.57 25.32 -12.76
CA ARG A 56 13.25 25.17 -14.04
C ARG A 56 12.28 24.69 -15.11
N ARG A 57 11.36 23.80 -14.72
CA ARG A 57 10.37 23.29 -15.66
C ARG A 57 11.03 22.60 -16.85
N GLN A 58 12.17 21.97 -16.61
CA GLN A 58 12.89 21.28 -17.68
C GLN A 58 12.76 19.77 -17.52
N ILE A 59 12.76 19.06 -18.64
CA ILE A 59 12.63 17.61 -18.62
C ILE A 59 14.00 16.94 -18.65
N ASN A 60 15.05 17.75 -18.55
CA ASN A 60 16.41 17.21 -18.56
C ASN A 60 16.80 16.74 -17.17
N GLU A 61 16.98 15.44 -17.02
CA GLU A 61 17.35 14.86 -15.74
C GLU A 61 18.88 14.81 -15.60
N ASP A 62 19.57 15.18 -16.67
CA ASP A 62 21.04 15.16 -16.65
C ASP A 62 21.57 16.10 -15.58
N GLU A 63 20.98 17.29 -15.48
CA GLU A 63 21.40 18.28 -14.49
C GLU A 63 20.21 18.81 -13.72
N PRO A 64 19.73 18.08 -12.75
CA PRO A 64 18.56 18.50 -11.92
C PRO A 64 18.76 19.89 -11.32
N LEU A 1 10.46 -14.14 28.75
CA LEU A 1 9.38 -13.13 28.84
C LEU A 1 9.40 -12.25 27.59
N ASP A 2 10.60 -11.84 27.18
CA ASP A 2 10.74 -11.00 26.00
C ASP A 2 10.42 -11.78 24.73
N ARG A 3 9.87 -11.10 23.73
CA ARG A 3 9.50 -11.73 22.48
C ARG A 3 9.25 -10.70 21.39
N TRP A 4 10.32 -10.03 20.95
CA TRP A 4 10.20 -9.01 19.90
C TRP A 4 10.96 -9.44 18.66
N TYR A 5 11.67 -10.57 18.75
CA TYR A 5 12.45 -11.06 17.63
C TYR A 5 11.54 -11.73 16.59
N LEU A 6 12.14 -12.10 15.46
CA LEU A 6 11.39 -12.74 14.38
C LEU A 6 10.33 -13.70 14.94
N GLY A 7 9.18 -13.75 14.27
CA GLY A 7 8.09 -14.60 14.71
C GLY A 7 7.17 -13.83 15.65
N GLY A 8 7.63 -12.64 16.04
CA GLY A 8 6.86 -11.79 16.93
C GLY A 8 6.54 -12.51 18.23
N SER A 9 5.24 -12.70 18.49
CA SER A 9 4.79 -13.37 19.71
C SER A 9 3.91 -14.56 19.34
N PRO A 10 4.51 -15.67 18.96
CA PRO A 10 3.74 -16.90 18.56
C PRO A 10 3.13 -17.64 19.75
N LYS A 11 2.15 -18.47 19.46
CA LYS A 11 1.49 -19.25 20.51
C LYS A 11 2.13 -20.64 20.63
N GLY A 12 2.77 -21.08 19.55
CA GLY A 12 3.43 -22.38 19.56
C GLY A 12 2.41 -23.51 19.50
N ASP A 13 1.15 -23.16 19.26
CA ASP A 13 0.09 -24.16 19.20
C ASP A 13 -0.93 -23.80 18.12
N VAL A 14 -0.47 -23.17 17.04
CA VAL A 14 -1.37 -22.79 15.96
C VAL A 14 -0.71 -23.01 14.61
N ASP A 15 -1.48 -23.54 13.66
CA ASP A 15 -0.97 -23.79 12.31
C ASP A 15 -1.95 -23.25 11.28
N PRO A 16 -1.97 -21.94 11.08
CA PRO A 16 -2.90 -21.29 10.11
C PRO A 16 -2.46 -21.45 8.66
N PHE A 17 -1.26 -21.98 8.45
CA PHE A 17 -0.76 -22.17 7.09
C PHE A 17 -1.65 -23.12 6.31
N TYR A 18 -2.10 -24.19 6.97
CA TYR A 18 -2.95 -25.17 6.29
C TYR A 18 -4.24 -24.51 5.80
N TYR A 19 -4.89 -23.76 6.69
CA TYR A 19 -6.14 -23.09 6.32
C TYR A 19 -5.86 -21.95 5.33
N ASP A 20 -4.73 -21.29 5.52
CA ASP A 20 -4.34 -20.18 4.64
C ASP A 20 -3.81 -20.70 3.31
N TYR A 21 -3.62 -22.02 3.21
CA TYR A 21 -3.11 -22.60 1.98
C TYR A 21 -4.08 -22.35 0.83
N GLU A 22 -5.36 -22.56 1.08
CA GLU A 22 -6.37 -22.36 0.05
C GLU A 22 -6.33 -20.92 -0.44
N THR A 23 -6.18 -19.98 0.49
CA THR A 23 -6.14 -18.56 0.13
C THR A 23 -4.83 -18.23 -0.60
N VAL A 24 -3.73 -18.82 -0.13
CA VAL A 24 -2.42 -18.56 -0.71
C VAL A 24 -2.46 -18.59 -2.24
N ARG A 25 -3.43 -19.29 -2.80
CA ARG A 25 -3.55 -19.32 -4.26
C ARG A 25 -4.04 -17.96 -4.77
N ASN A 26 -5.17 -17.52 -4.22
CA ASN A 26 -5.79 -16.25 -4.61
C ASN A 26 -5.32 -15.10 -3.72
N GLY A 27 -4.48 -15.39 -2.73
CA GLY A 27 -4.01 -14.36 -1.82
C GLY A 27 -3.21 -13.26 -2.53
N GLY A 28 -2.36 -13.66 -3.47
CA GLY A 28 -1.56 -12.69 -4.20
C GLY A 28 -2.42 -11.71 -5.00
N LEU A 29 -3.43 -12.25 -5.67
CA LEU A 29 -4.30 -11.41 -6.49
C LEU A 29 -4.97 -10.34 -5.64
N ILE A 30 -5.54 -10.74 -4.51
CA ILE A 30 -6.21 -9.79 -3.62
C ILE A 30 -5.26 -8.73 -3.10
N PHE A 31 -4.07 -9.14 -2.69
CA PHE A 31 -3.07 -8.23 -2.17
C PHE A 31 -2.68 -7.19 -3.21
N ALA A 32 -2.42 -7.65 -4.43
CA ALA A 32 -2.00 -6.75 -5.51
C ALA A 32 -3.05 -5.66 -5.76
N GLY A 33 -4.33 -6.02 -5.76
CA GLY A 33 -5.37 -5.04 -6.00
C GLY A 33 -5.35 -3.93 -4.94
N LEU A 34 -5.11 -4.32 -3.70
CA LEU A 34 -5.03 -3.34 -2.61
C LEU A 34 -3.79 -2.47 -2.79
N ALA A 35 -2.71 -3.12 -3.18
CA ALA A 35 -1.45 -2.41 -3.39
C ALA A 35 -1.61 -1.34 -4.46
N PHE A 36 -2.22 -1.71 -5.58
CA PHE A 36 -2.41 -0.80 -6.71
C PHE A 36 -3.21 0.45 -6.31
N ILE A 37 -4.32 0.26 -5.61
CA ILE A 37 -5.17 1.38 -5.22
C ILE A 37 -4.38 2.41 -4.39
N VAL A 38 -3.59 1.92 -3.45
CA VAL A 38 -2.81 2.80 -2.60
C VAL A 38 -1.88 3.68 -3.43
N GLY A 39 -1.27 3.10 -4.46
CA GLY A 39 -0.36 3.82 -5.34
C GLY A 39 -1.04 4.99 -6.04
N LEU A 40 -2.31 4.80 -6.40
CA LEU A 40 -3.05 5.86 -7.07
C LEU A 40 -3.09 7.11 -6.19
N LEU A 41 -3.39 6.90 -4.91
CA LEU A 41 -3.49 8.00 -3.96
C LEU A 41 -2.20 8.81 -3.89
N ILE A 42 -1.07 8.12 -4.02
CA ILE A 42 0.23 8.81 -3.96
C ILE A 42 0.33 9.84 -5.09
N LEU A 43 -0.11 9.48 -6.28
CA LEU A 43 -0.05 10.39 -7.42
C LEU A 43 -0.80 11.68 -7.10
N LEU A 44 -1.95 11.55 -6.45
CA LEU A 44 -2.77 12.70 -6.11
C LEU A 44 -2.01 13.68 -5.21
N SER A 45 -1.16 13.17 -4.32
CA SER A 45 -0.41 14.06 -3.44
C SER A 45 0.38 15.02 -4.29
N ARG A 46 0.91 14.51 -5.40
CA ARG A 46 1.68 15.33 -6.33
C ARG A 46 0.79 16.43 -6.92
N ARG A 47 -0.48 16.10 -7.16
CA ARG A 47 -1.39 17.05 -7.79
C ARG A 47 -1.43 18.36 -7.02
N PHE A 48 -1.18 18.30 -5.71
CA PHE A 48 -1.17 19.53 -4.93
C PHE A 48 -0.07 20.48 -5.42
N ARG A 49 1.08 19.89 -5.76
CA ARG A 49 2.23 20.66 -6.26
C ARG A 49 2.18 20.83 -7.78
N SER A 50 1.22 20.15 -8.40
CA SER A 50 1.06 20.24 -9.86
C SER A 50 0.30 21.51 -10.24
N GLY A 51 -0.42 21.44 -11.37
CA GLY A 51 -1.18 22.58 -11.85
C GLY A 51 -0.32 23.54 -12.64
N GLY A 52 0.94 23.16 -12.87
CA GLY A 52 1.87 24.01 -13.62
C GLY A 52 2.97 24.54 -12.71
N ASN A 53 3.66 25.59 -13.17
CA ASN A 53 4.74 26.17 -12.38
C ASN A 53 5.80 25.13 -12.06
N LYS A 54 6.74 24.93 -13.00
CA LYS A 54 7.81 23.96 -12.79
C LYS A 54 8.78 24.44 -11.73
N LYS A 55 8.25 24.64 -10.52
CA LYS A 55 9.06 25.12 -9.40
C LYS A 55 9.27 23.99 -8.41
N ARG A 56 9.04 22.76 -8.87
CA ARG A 56 9.19 21.58 -8.02
C ARG A 56 10.51 20.89 -8.35
N ARG A 57 11.29 21.53 -9.23
CA ARG A 57 12.58 20.98 -9.63
C ARG A 57 13.64 22.07 -9.70
N GLN A 58 14.90 21.66 -9.64
CA GLN A 58 16.01 22.60 -9.68
C GLN A 58 16.17 23.19 -11.07
N ILE A 59 16.48 24.49 -11.12
CA ILE A 59 16.67 25.17 -12.40
C ILE A 59 18.01 25.90 -12.43
N ASN A 60 18.77 25.77 -11.34
CA ASN A 60 20.08 26.41 -11.25
C ASN A 60 20.93 25.75 -10.18
N GLU A 61 22.25 25.94 -10.26
CA GLU A 61 23.16 25.35 -9.28
C GLU A 61 23.24 26.24 -8.04
N ASP A 62 22.73 27.47 -8.16
CA ASP A 62 22.75 28.40 -7.03
C ASP A 62 21.93 27.85 -5.86
N GLU A 63 20.77 27.27 -6.18
CA GLU A 63 19.91 26.71 -5.15
C GLU A 63 19.47 25.30 -5.53
N PRO A 64 20.32 24.32 -5.33
CA PRO A 64 20.02 22.91 -5.66
C PRO A 64 19.21 22.22 -4.56
#